data_2X8Q
# 
_entry.id   2X8Q 
# 
_audit_conform.dict_name       mmcif_pdbx.dic 
_audit_conform.dict_version    5.391 
_audit_conform.dict_location   http://mmcif.pdb.org/dictionaries/ascii/mmcif_pdbx.dic 
# 
loop_
_database_2.database_id 
_database_2.database_code 
_database_2.pdbx_database_accession 
_database_2.pdbx_DOI 
PDB   2X8Q         pdb_00002x8q 10.2210/pdb2x8q/pdb 
PDBE  EBI-43218    ?            ?                   
WWPDB D_1290043218 ?            ?                   
# 
loop_
_pdbx_audit_revision_history.ordinal 
_pdbx_audit_revision_history.data_content_type 
_pdbx_audit_revision_history.major_revision 
_pdbx_audit_revision_history.minor_revision 
_pdbx_audit_revision_history.revision_date 
1 'Structure model' 1 0 2010-05-19 
2 'Structure model' 1 1 2017-08-30 
3 'Structure model' 1 2 2024-05-08 
# 
_pdbx_audit_revision_details.ordinal             1 
_pdbx_audit_revision_details.revision_ordinal    1 
_pdbx_audit_revision_details.data_content_type   'Structure model' 
_pdbx_audit_revision_details.provider            repository 
_pdbx_audit_revision_details.type                'Initial release' 
_pdbx_audit_revision_details.description         ? 
_pdbx_audit_revision_details.details             ? 
# 
loop_
_pdbx_audit_revision_group.ordinal 
_pdbx_audit_revision_group.revision_ordinal 
_pdbx_audit_revision_group.data_content_type 
_pdbx_audit_revision_group.group 
1 2 'Structure model' 'Data collection'        
2 2 'Structure model' 'Refinement description' 
3 3 'Structure model' 'Data collection'        
4 3 'Structure model' 'Database references'    
5 3 'Structure model' 'Derived calculations'   
6 3 'Structure model' 'Refinement description' 
# 
loop_
_pdbx_audit_revision_category.ordinal 
_pdbx_audit_revision_category.revision_ordinal 
_pdbx_audit_revision_category.data_content_type 
_pdbx_audit_revision_category.category 
1 2 'Structure model' em_3d_fitting                 
2 2 'Structure model' em_software                   
3 3 'Structure model' chem_comp_atom                
4 3 'Structure model' chem_comp_bond                
5 3 'Structure model' database_2                    
6 3 'Structure model' em_3d_fitting_list            
7 3 'Structure model' pdbx_initial_refinement_model 
8 3 'Structure model' pdbx_struct_oper_list         
# 
loop_
_pdbx_audit_revision_item.ordinal 
_pdbx_audit_revision_item.revision_ordinal 
_pdbx_audit_revision_item.data_content_type 
_pdbx_audit_revision_item.item 
1  2 'Structure model' '_em_3d_fitting.target_criteria'                  
2  2 'Structure model' '_em_software.fitting_id'                         
3  2 'Structure model' '_em_software.image_processing_id'                
4  3 'Structure model' '_database_2.pdbx_DOI'                            
5  3 'Structure model' '_database_2.pdbx_database_accession'             
6  3 'Structure model' '_em_3d_fitting_list.accession_code'              
7  3 'Structure model' '_em_3d_fitting_list.initial_refinement_model_id' 
8  3 'Structure model' '_em_3d_fitting_list.source_name'                 
9  3 'Structure model' '_em_3d_fitting_list.type'                        
10 3 'Structure model' '_pdbx_struct_oper_list.name'                     
11 3 'Structure model' '_pdbx_struct_oper_list.symmetry_operation'       
12 3 'Structure model' '_pdbx_struct_oper_list.type'                     
# 
_pdbx_database_status.status_code                     REL 
_pdbx_database_status.entry_id                        2X8Q 
_pdbx_database_status.deposit_site                    PDBE 
_pdbx_database_status.process_site                    PDBE 
_pdbx_database_status.SG_entry                        . 
_pdbx_database_status.recvd_initial_deposition_date   2010-03-11 
_pdbx_database_status.pdb_format_compatible           Y 
_pdbx_database_status.status_code_sf                  ? 
_pdbx_database_status.status_code_mr                  ? 
_pdbx_database_status.status_code_cs                  ? 
_pdbx_database_status.methods_development_category    ? 
_pdbx_database_status.status_code_nmr_data            ? 
# 
loop_
_pdbx_database_related.db_name 
_pdbx_database_related.db_id 
_pdbx_database_related.content_type 
_pdbx_database_related.details 
PDB  1EOQ     unspecified            'ROUS SARCOMA VIRUS CAPSID PROTEIN: C- TERMINAL DOMAIN' 
PDB  1BAI     unspecified            'STRUCTURAL BASIS FOR SPECIFICITY OF RETROVIRAL PROTEASES' 
PDB  1EM9     unspecified            'ROUS SARCOMA VIRUS CAPSID PROTEIN: N- TERMINAL DOMAIN' 
PDB  2RSP     unspecified            'ROUS SARCOMA VIRUS PROTEASE (RSV PR)' 
PDB  1A6S     unspecified            'M-DOMAIN FROM GAG POLYPROTEIN OF ROUS SARCOMA VIRUS,NMR, 20 STRUCTURES' 
PDB  1P7N     unspecified            
'DIMERIC ROUS SARCOMA VIRUS CAPSID PROTEIN STRUCTURE WITH ANUPSTREAM 25-AMINO ACID RESIDUE EXTENSION OF C-TERMINAL OFGAG P10 PROTEIN' 
EMDB EMD-1710 'associated EM volume' 
'CRYO-EM 3D MODEL OF THE ICOSAHEDRAL PARTICLE COMPOSED OF ROUS SARCOMA VIRUS CAPSID PROTEIN PENTAMERS' 
# 
loop_
_audit_author.name 
_audit_author.pdbx_ordinal 
'K Hyun, J.'     1 
'Radjainia, M.'  2 
'Kingston, R.L.' 3 
'Mitra, A.K.'    4 
# 
_citation.id                        primary 
_citation.title                     
'Proton-Driven Assembly of the Rous Sarcoma Virus Capsid Protein Results in the Formation of Icosahedral Particles.' 
_citation.journal_abbrev            J.Biol.Chem. 
_citation.journal_volume            285 
_citation.page_first                15056 
_citation.page_last                 ? 
_citation.year                      2010 
_citation.journal_id_ASTM           JBCHA3 
_citation.country                   US 
_citation.journal_id_ISSN           0021-9258 
_citation.journal_id_CSD            0071 
_citation.book_publisher            ? 
_citation.pdbx_database_id_PubMed   20228062 
_citation.pdbx_database_id_DOI      10.1074/JBC.M110.108209 
# 
loop_
_citation_author.citation_id 
_citation_author.name 
_citation_author.ordinal 
_citation_author.identifier_ORCID 
primary 'Hyun, J.K.'     1 ? 
primary 'Radjainia, M.'  2 ? 
primary 'Kingston, R.L.' 3 ? 
primary 'Mitra, A.K.'    4 ? 
# 
_entity.id                         1 
_entity.type                       polymer 
_entity.src_method                 man 
_entity.pdbx_description           'CAPSID PROTEIN P27' 
_entity.formula_weight             24472.230 
_entity.pdbx_number_of_molecules   1 
_entity.pdbx_ec                    ? 
_entity.pdbx_mutation              ? 
_entity.pdbx_fragment              'RESIDUES 240-465' 
_entity.details                    ? 
# 
_entity_poly.entity_id                      1 
_entity_poly.type                           'polypeptide(L)' 
_entity_poly.nstd_linkage                   no 
_entity_poly.nstd_monomer                   no 
_entity_poly.pdbx_seq_one_letter_code       
;PVVIKTEGPAWTPLEPKLITRLADTVRTKGLRSPITMAEVEALMSSPLLPHDVTNLMRVILGPAPYALWMDAWGVQLQTV
IAAATRDPRHPANGQGRGERTNLNRLKGLADGMVGNPQGQAALLRPGELVAITASALQAFREVARLAEPAGPWADIMQGP
SESFVDFANRLIKAVEGSDLPPSARAPVIIDCFRQKSQPDIQQLIRTAPSTLTTPGEIIKYVLDRQ
;
_entity_poly.pdbx_seq_one_letter_code_can   
;PVVIKTEGPAWTPLEPKLITRLADTVRTKGLRSPITMAEVEALMSSPLLPHDVTNLMRVILGPAPYALWMDAWGVQLQTV
IAAATRDPRHPANGQGRGERTNLNRLKGLADGMVGNPQGQAALLRPGELVAITASALQAFREVARLAEPAGPWADIMQGP
SESFVDFANRLIKAVEGSDLPPSARAPVIIDCFRQKSQPDIQQLIRTAPSTLTTPGEIIKYVLDRQ
;
_entity_poly.pdbx_strand_id                 A 
_entity_poly.pdbx_target_identifier         ? 
# 
loop_
_entity_poly_seq.entity_id 
_entity_poly_seq.num 
_entity_poly_seq.mon_id 
_entity_poly_seq.hetero 
1 1   PRO n 
1 2   VAL n 
1 3   VAL n 
1 4   ILE n 
1 5   LYS n 
1 6   THR n 
1 7   GLU n 
1 8   GLY n 
1 9   PRO n 
1 10  ALA n 
1 11  TRP n 
1 12  THR n 
1 13  PRO n 
1 14  LEU n 
1 15  GLU n 
1 16  PRO n 
1 17  LYS n 
1 18  LEU n 
1 19  ILE n 
1 20  THR n 
1 21  ARG n 
1 22  LEU n 
1 23  ALA n 
1 24  ASP n 
1 25  THR n 
1 26  VAL n 
1 27  ARG n 
1 28  THR n 
1 29  LYS n 
1 30  GLY n 
1 31  LEU n 
1 32  ARG n 
1 33  SER n 
1 34  PRO n 
1 35  ILE n 
1 36  THR n 
1 37  MET n 
1 38  ALA n 
1 39  GLU n 
1 40  VAL n 
1 41  GLU n 
1 42  ALA n 
1 43  LEU n 
1 44  MET n 
1 45  SER n 
1 46  SER n 
1 47  PRO n 
1 48  LEU n 
1 49  LEU n 
1 50  PRO n 
1 51  HIS n 
1 52  ASP n 
1 53  VAL n 
1 54  THR n 
1 55  ASN n 
1 56  LEU n 
1 57  MET n 
1 58  ARG n 
1 59  VAL n 
1 60  ILE n 
1 61  LEU n 
1 62  GLY n 
1 63  PRO n 
1 64  ALA n 
1 65  PRO n 
1 66  TYR n 
1 67  ALA n 
1 68  LEU n 
1 69  TRP n 
1 70  MET n 
1 71  ASP n 
1 72  ALA n 
1 73  TRP n 
1 74  GLY n 
1 75  VAL n 
1 76  GLN n 
1 77  LEU n 
1 78  GLN n 
1 79  THR n 
1 80  VAL n 
1 81  ILE n 
1 82  ALA n 
1 83  ALA n 
1 84  ALA n 
1 85  THR n 
1 86  ARG n 
1 87  ASP n 
1 88  PRO n 
1 89  ARG n 
1 90  HIS n 
1 91  PRO n 
1 92  ALA n 
1 93  ASN n 
1 94  GLY n 
1 95  GLN n 
1 96  GLY n 
1 97  ARG n 
1 98  GLY n 
1 99  GLU n 
1 100 ARG n 
1 101 THR n 
1 102 ASN n 
1 103 LEU n 
1 104 ASN n 
1 105 ARG n 
1 106 LEU n 
1 107 LYS n 
1 108 GLY n 
1 109 LEU n 
1 110 ALA n 
1 111 ASP n 
1 112 GLY n 
1 113 MET n 
1 114 VAL n 
1 115 GLY n 
1 116 ASN n 
1 117 PRO n 
1 118 GLN n 
1 119 GLY n 
1 120 GLN n 
1 121 ALA n 
1 122 ALA n 
1 123 LEU n 
1 124 LEU n 
1 125 ARG n 
1 126 PRO n 
1 127 GLY n 
1 128 GLU n 
1 129 LEU n 
1 130 VAL n 
1 131 ALA n 
1 132 ILE n 
1 133 THR n 
1 134 ALA n 
1 135 SER n 
1 136 ALA n 
1 137 LEU n 
1 138 GLN n 
1 139 ALA n 
1 140 PHE n 
1 141 ARG n 
1 142 GLU n 
1 143 VAL n 
1 144 ALA n 
1 145 ARG n 
1 146 LEU n 
1 147 ALA n 
1 148 GLU n 
1 149 PRO n 
1 150 ALA n 
1 151 GLY n 
1 152 PRO n 
1 153 TRP n 
1 154 ALA n 
1 155 ASP n 
1 156 ILE n 
1 157 MET n 
1 158 GLN n 
1 159 GLY n 
1 160 PRO n 
1 161 SER n 
1 162 GLU n 
1 163 SER n 
1 164 PHE n 
1 165 VAL n 
1 166 ASP n 
1 167 PHE n 
1 168 ALA n 
1 169 ASN n 
1 170 ARG n 
1 171 LEU n 
1 172 ILE n 
1 173 LYS n 
1 174 ALA n 
1 175 VAL n 
1 176 GLU n 
1 177 GLY n 
1 178 SER n 
1 179 ASP n 
1 180 LEU n 
1 181 PRO n 
1 182 PRO n 
1 183 SER n 
1 184 ALA n 
1 185 ARG n 
1 186 ALA n 
1 187 PRO n 
1 188 VAL n 
1 189 ILE n 
1 190 ILE n 
1 191 ASP n 
1 192 CYS n 
1 193 PHE n 
1 194 ARG n 
1 195 GLN n 
1 196 LYS n 
1 197 SER n 
1 198 GLN n 
1 199 PRO n 
1 200 ASP n 
1 201 ILE n 
1 202 GLN n 
1 203 GLN n 
1 204 LEU n 
1 205 ILE n 
1 206 ARG n 
1 207 THR n 
1 208 ALA n 
1 209 PRO n 
1 210 SER n 
1 211 THR n 
1 212 LEU n 
1 213 THR n 
1 214 THR n 
1 215 PRO n 
1 216 GLY n 
1 217 GLU n 
1 218 ILE n 
1 219 ILE n 
1 220 LYS n 
1 221 TYR n 
1 222 VAL n 
1 223 LEU n 
1 224 ASP n 
1 225 ARG n 
1 226 GLN n 
# 
_entity_src_gen.entity_id                          1 
_entity_src_gen.pdbx_src_id                        1 
_entity_src_gen.pdbx_alt_source_flag               sample 
_entity_src_gen.pdbx_seq_type                      ? 
_entity_src_gen.pdbx_beg_seq_num                   ? 
_entity_src_gen.pdbx_end_seq_num                   ? 
_entity_src_gen.gene_src_common_name               ? 
_entity_src_gen.gene_src_genus                     ? 
_entity_src_gen.pdbx_gene_src_gene                 ? 
_entity_src_gen.gene_src_species                   ? 
_entity_src_gen.gene_src_strain                    ? 
_entity_src_gen.gene_src_tissue                    ? 
_entity_src_gen.gene_src_tissue_fraction           ? 
_entity_src_gen.gene_src_details                   ? 
_entity_src_gen.pdbx_gene_src_fragment             ? 
_entity_src_gen.pdbx_gene_src_scientific_name      'ROUS SARCOMA VIRUS - PRAGUE C' 
_entity_src_gen.pdbx_gene_src_ncbi_taxonomy_id     11888 
_entity_src_gen.pdbx_gene_src_variant              ? 
_entity_src_gen.pdbx_gene_src_cell_line            ? 
_entity_src_gen.pdbx_gene_src_atcc                 ? 
_entity_src_gen.pdbx_gene_src_organ                ? 
_entity_src_gen.pdbx_gene_src_organelle            ? 
_entity_src_gen.pdbx_gene_src_cell                 ? 
_entity_src_gen.pdbx_gene_src_cellular_location    ? 
_entity_src_gen.host_org_common_name               ? 
_entity_src_gen.pdbx_host_org_scientific_name      'ESCHERICHIA COLI' 
_entity_src_gen.pdbx_host_org_ncbi_taxonomy_id     562 
_entity_src_gen.host_org_genus                     ? 
_entity_src_gen.pdbx_host_org_gene                 ? 
_entity_src_gen.pdbx_host_org_organ                ? 
_entity_src_gen.host_org_species                   ? 
_entity_src_gen.pdbx_host_org_tissue               ? 
_entity_src_gen.pdbx_host_org_tissue_fraction      ? 
_entity_src_gen.pdbx_host_org_strain               'ROSETTA 2' 
_entity_src_gen.pdbx_host_org_variant              ? 
_entity_src_gen.pdbx_host_org_cell_line            ? 
_entity_src_gen.pdbx_host_org_atcc                 ? 
_entity_src_gen.pdbx_host_org_culture_collection   ? 
_entity_src_gen.pdbx_host_org_cell                 ? 
_entity_src_gen.pdbx_host_org_organelle            ? 
_entity_src_gen.pdbx_host_org_cellular_location    ? 
_entity_src_gen.pdbx_host_org_vector_type          ? 
_entity_src_gen.pdbx_host_org_vector               ? 
_entity_src_gen.host_org_details                   ? 
_entity_src_gen.expression_system_id               ? 
_entity_src_gen.plasmid_name                       ? 
_entity_src_gen.plasmid_details                    ? 
_entity_src_gen.pdbx_description                   
'RECOMBINANT ROUS SARCOMA VIRUS CAPSID PROTEIN WAS PRODUCED BY HETEROLOGOUS EXPRESSION IN E. COLI AND PURIFIED TO HOMOGENIETY' 
# 
loop_
_chem_comp.id 
_chem_comp.type 
_chem_comp.mon_nstd_flag 
_chem_comp.name 
_chem_comp.pdbx_synonyms 
_chem_comp.formula 
_chem_comp.formula_weight 
ALA 'L-peptide linking' y ALANINE         ? 'C3 H7 N O2'     89.093  
ARG 'L-peptide linking' y ARGININE        ? 'C6 H15 N4 O2 1' 175.209 
ASN 'L-peptide linking' y ASPARAGINE      ? 'C4 H8 N2 O3'    132.118 
ASP 'L-peptide linking' y 'ASPARTIC ACID' ? 'C4 H7 N O4'     133.103 
CYS 'L-peptide linking' y CYSTEINE        ? 'C3 H7 N O2 S'   121.158 
GLN 'L-peptide linking' y GLUTAMINE       ? 'C5 H10 N2 O3'   146.144 
GLU 'L-peptide linking' y 'GLUTAMIC ACID' ? 'C5 H9 N O4'     147.129 
GLY 'peptide linking'   y GLYCINE         ? 'C2 H5 N O2'     75.067  
HIS 'L-peptide linking' y HISTIDINE       ? 'C6 H10 N3 O2 1' 156.162 
ILE 'L-peptide linking' y ISOLEUCINE      ? 'C6 H13 N O2'    131.173 
LEU 'L-peptide linking' y LEUCINE         ? 'C6 H13 N O2'    131.173 
LYS 'L-peptide linking' y LYSINE          ? 'C6 H15 N2 O2 1' 147.195 
MET 'L-peptide linking' y METHIONINE      ? 'C5 H11 N O2 S'  149.211 
PHE 'L-peptide linking' y PHENYLALANINE   ? 'C9 H11 N O2'    165.189 
PRO 'L-peptide linking' y PROLINE         ? 'C5 H9 N O2'     115.130 
SER 'L-peptide linking' y SERINE          ? 'C3 H7 N O3'     105.093 
THR 'L-peptide linking' y THREONINE       ? 'C4 H9 N O3'     119.119 
TRP 'L-peptide linking' y TRYPTOPHAN      ? 'C11 H12 N2 O2'  204.225 
TYR 'L-peptide linking' y TYROSINE        ? 'C9 H11 N O3'    181.189 
VAL 'L-peptide linking' y VALINE          ? 'C5 H11 N O2'    117.146 
# 
loop_
_pdbx_poly_seq_scheme.asym_id 
_pdbx_poly_seq_scheme.entity_id 
_pdbx_poly_seq_scheme.seq_id 
_pdbx_poly_seq_scheme.mon_id 
_pdbx_poly_seq_scheme.ndb_seq_num 
_pdbx_poly_seq_scheme.pdb_seq_num 
_pdbx_poly_seq_scheme.auth_seq_num 
_pdbx_poly_seq_scheme.pdb_mon_id 
_pdbx_poly_seq_scheme.auth_mon_id 
_pdbx_poly_seq_scheme.pdb_strand_id 
_pdbx_poly_seq_scheme.pdb_ins_code 
_pdbx_poly_seq_scheme.hetero 
A 1 1   PRO 1   1   1   PRO PRO A . n 
A 1 2   VAL 2   2   2   VAL VAL A . n 
A 1 3   VAL 3   3   3   VAL VAL A . n 
A 1 4   ILE 4   4   4   ILE ILE A . n 
A 1 5   LYS 5   5   5   LYS LYS A . n 
A 1 6   THR 6   6   6   THR THR A . n 
A 1 7   GLU 7   7   7   GLU GLU A . n 
A 1 8   GLY 8   8   8   GLY GLY A . n 
A 1 9   PRO 9   9   9   PRO PRO A . n 
A 1 10  ALA 10  10  10  ALA ALA A . n 
A 1 11  TRP 11  11  11  TRP TRP A . n 
A 1 12  THR 12  12  12  THR THR A . n 
A 1 13  PRO 13  13  13  PRO PRO A . n 
A 1 14  LEU 14  14  14  LEU LEU A . n 
A 1 15  GLU 15  15  15  GLU GLU A . n 
A 1 16  PRO 16  16  16  PRO PRO A . n 
A 1 17  LYS 17  17  17  LYS LYS A . n 
A 1 18  LEU 18  18  18  LEU LEU A . n 
A 1 19  ILE 19  19  19  ILE ILE A . n 
A 1 20  THR 20  20  20  THR THR A . n 
A 1 21  ARG 21  21  21  ARG ARG A . n 
A 1 22  LEU 22  22  22  LEU LEU A . n 
A 1 23  ALA 23  23  23  ALA ALA A . n 
A 1 24  ASP 24  24  24  ASP ASP A . n 
A 1 25  THR 25  25  25  THR THR A . n 
A 1 26  VAL 26  26  26  VAL VAL A . n 
A 1 27  ARG 27  27  27  ARG ARG A . n 
A 1 28  THR 28  28  28  THR THR A . n 
A 1 29  LYS 29  29  29  LYS LYS A . n 
A 1 30  GLY 30  30  30  GLY GLY A . n 
A 1 31  LEU 31  31  31  LEU LEU A . n 
A 1 32  ARG 32  32  32  ARG ARG A . n 
A 1 33  SER 33  33  33  SER SER A . n 
A 1 34  PRO 34  34  34  PRO PRO A . n 
A 1 35  ILE 35  35  35  ILE ILE A . n 
A 1 36  THR 36  36  36  THR THR A . n 
A 1 37  MET 37  37  37  MET MET A . n 
A 1 38  ALA 38  38  38  ALA ALA A . n 
A 1 39  GLU 39  39  39  GLU GLU A . n 
A 1 40  VAL 40  40  40  VAL VAL A . n 
A 1 41  GLU 41  41  41  GLU GLU A . n 
A 1 42  ALA 42  42  42  ALA ALA A . n 
A 1 43  LEU 43  43  43  LEU LEU A . n 
A 1 44  MET 44  44  44  MET MET A . n 
A 1 45  SER 45  45  45  SER SER A . n 
A 1 46  SER 46  46  46  SER SER A . n 
A 1 47  PRO 47  47  47  PRO PRO A . n 
A 1 48  LEU 48  48  48  LEU LEU A . n 
A 1 49  LEU 49  49  49  LEU LEU A . n 
A 1 50  PRO 50  50  50  PRO PRO A . n 
A 1 51  HIS 51  51  51  HIS HIS A . n 
A 1 52  ASP 52  52  52  ASP ASP A . n 
A 1 53  VAL 53  53  53  VAL VAL A . n 
A 1 54  THR 54  54  54  THR THR A . n 
A 1 55  ASN 55  55  55  ASN ASN A . n 
A 1 56  LEU 56  56  56  LEU LEU A . n 
A 1 57  MET 57  57  57  MET MET A . n 
A 1 58  ARG 58  58  58  ARG ARG A . n 
A 1 59  VAL 59  59  59  VAL VAL A . n 
A 1 60  ILE 60  60  60  ILE ILE A . n 
A 1 61  LEU 61  61  61  LEU LEU A . n 
A 1 62  GLY 62  62  62  GLY GLY A . n 
A 1 63  PRO 63  63  63  PRO PRO A . n 
A 1 64  ALA 64  64  64  ALA ALA A . n 
A 1 65  PRO 65  65  65  PRO PRO A . n 
A 1 66  TYR 66  66  66  TYR TYR A . n 
A 1 67  ALA 67  67  67  ALA ALA A . n 
A 1 68  LEU 68  68  68  LEU LEU A . n 
A 1 69  TRP 69  69  69  TRP TRP A . n 
A 1 70  MET 70  70  70  MET MET A . n 
A 1 71  ASP 71  71  71  ASP ASP A . n 
A 1 72  ALA 72  72  72  ALA ALA A . n 
A 1 73  TRP 73  73  73  TRP TRP A . n 
A 1 74  GLY 74  74  74  GLY GLY A . n 
A 1 75  VAL 75  75  75  VAL VAL A . n 
A 1 76  GLN 76  76  76  GLN GLN A . n 
A 1 77  LEU 77  77  77  LEU LEU A . n 
A 1 78  GLN 78  78  78  GLN GLN A . n 
A 1 79  THR 79  79  79  THR THR A . n 
A 1 80  VAL 80  80  80  VAL VAL A . n 
A 1 81  ILE 81  81  81  ILE ILE A . n 
A 1 82  ALA 82  82  82  ALA ALA A . n 
A 1 83  ALA 83  83  83  ALA ALA A . n 
A 1 84  ALA 84  84  84  ALA ALA A . n 
A 1 85  THR 85  85  85  THR THR A . n 
A 1 86  ARG 86  86  86  ARG ARG A . n 
A 1 87  ASP 87  87  87  ASP ASP A . n 
A 1 88  PRO 88  88  88  PRO PRO A . n 
A 1 89  ARG 89  89  89  ARG ARG A . n 
A 1 90  HIS 90  90  90  HIS HIS A . n 
A 1 91  PRO 91  91  91  PRO PRO A . n 
A 1 92  ALA 92  92  92  ALA ALA A . n 
A 1 93  ASN 93  93  93  ASN ASN A . n 
A 1 94  GLY 94  94  94  GLY GLY A . n 
A 1 95  GLN 95  95  95  GLN GLN A . n 
A 1 96  GLY 96  96  96  GLY GLY A . n 
A 1 97  ARG 97  97  97  ARG ARG A . n 
A 1 98  GLY 98  98  98  GLY GLY A . n 
A 1 99  GLU 99  99  99  GLU GLU A . n 
A 1 100 ARG 100 100 100 ARG ARG A . n 
A 1 101 THR 101 101 101 THR THR A . n 
A 1 102 ASN 102 102 102 ASN ASN A . n 
A 1 103 LEU 103 103 103 LEU LEU A . n 
A 1 104 ASN 104 104 104 ASN ASN A . n 
A 1 105 ARG 105 105 105 ARG ARG A . n 
A 1 106 LEU 106 106 106 LEU LEU A . n 
A 1 107 LYS 107 107 107 LYS LYS A . n 
A 1 108 GLY 108 108 108 GLY GLY A . n 
A 1 109 LEU 109 109 109 LEU LEU A . n 
A 1 110 ALA 110 110 110 ALA ALA A . n 
A 1 111 ASP 111 111 111 ASP ASP A . n 
A 1 112 GLY 112 112 112 GLY GLY A . n 
A 1 113 MET 113 113 113 MET MET A . n 
A 1 114 VAL 114 114 114 VAL VAL A . n 
A 1 115 GLY 115 115 115 GLY GLY A . n 
A 1 116 ASN 116 116 116 ASN ASN A . n 
A 1 117 PRO 117 117 117 PRO PRO A . n 
A 1 118 GLN 118 118 118 GLN GLN A . n 
A 1 119 GLY 119 119 119 GLY GLY A . n 
A 1 120 GLN 120 120 120 GLN GLN A . n 
A 1 121 ALA 121 121 121 ALA ALA A . n 
A 1 122 ALA 122 122 122 ALA ALA A . n 
A 1 123 LEU 123 123 123 LEU LEU A . n 
A 1 124 LEU 124 124 124 LEU LEU A . n 
A 1 125 ARG 125 125 125 ARG ARG A . n 
A 1 126 PRO 126 126 126 PRO PRO A . n 
A 1 127 GLY 127 127 127 GLY GLY A . n 
A 1 128 GLU 128 128 128 GLU GLU A . n 
A 1 129 LEU 129 129 129 LEU LEU A . n 
A 1 130 VAL 130 130 130 VAL VAL A . n 
A 1 131 ALA 131 131 131 ALA ALA A . n 
A 1 132 ILE 132 132 132 ILE ILE A . n 
A 1 133 THR 133 133 133 THR THR A . n 
A 1 134 ALA 134 134 134 ALA ALA A . n 
A 1 135 SER 135 135 135 SER SER A . n 
A 1 136 ALA 136 136 136 ALA ALA A . n 
A 1 137 LEU 137 137 137 LEU LEU A . n 
A 1 138 GLN 138 138 138 GLN GLN A . n 
A 1 139 ALA 139 139 139 ALA ALA A . n 
A 1 140 PHE 140 140 140 PHE PHE A . n 
A 1 141 ARG 141 141 141 ARG ARG A . n 
A 1 142 GLU 142 142 142 GLU GLU A . n 
A 1 143 VAL 143 143 143 VAL VAL A . n 
A 1 144 ALA 144 144 144 ALA ALA A . n 
A 1 145 ARG 145 145 145 ARG ARG A . n 
A 1 146 LEU 146 146 146 LEU LEU A . n 
A 1 147 ALA 147 147 147 ALA ALA A . n 
A 1 148 GLU 148 148 ?   ?   ?   A . n 
A 1 149 PRO 149 149 ?   ?   ?   A . n 
A 1 150 ALA 150 150 ?   ?   ?   A . n 
A 1 151 GLY 151 151 151 GLY GLY A . n 
A 1 152 PRO 152 152 152 PRO PRO A . n 
A 1 153 TRP 153 153 153 TRP TRP A . n 
A 1 154 ALA 154 154 154 ALA ALA A . n 
A 1 155 ASP 155 155 155 ASP ASP A . n 
A 1 156 ILE 156 156 156 ILE ILE A . n 
A 1 157 MET 157 157 157 MET MET A . n 
A 1 158 GLN 158 158 158 GLN GLN A . n 
A 1 159 GLY 159 159 159 GLY GLY A . n 
A 1 160 PRO 160 160 160 PRO PRO A . n 
A 1 161 SER 161 161 161 SER SER A . n 
A 1 162 GLU 162 162 162 GLU GLU A . n 
A 1 163 SER 163 163 163 SER SER A . n 
A 1 164 PHE 164 164 164 PHE PHE A . n 
A 1 165 VAL 165 165 165 VAL VAL A . n 
A 1 166 ASP 166 166 166 ASP ASP A . n 
A 1 167 PHE 167 167 167 PHE PHE A . n 
A 1 168 ALA 168 168 168 ALA ALA A . n 
A 1 169 ASN 169 169 169 ASN ASN A . n 
A 1 170 ARG 170 170 170 ARG ARG A . n 
A 1 171 LEU 171 171 171 LEU LEU A . n 
A 1 172 ILE 172 172 172 ILE ILE A . n 
A 1 173 LYS 173 173 173 LYS LYS A . n 
A 1 174 ALA 174 174 174 ALA ALA A . n 
A 1 175 VAL 175 175 175 VAL VAL A . n 
A 1 176 GLU 176 176 176 GLU GLU A . n 
A 1 177 GLY 177 177 177 GLY GLY A . n 
A 1 178 SER 178 178 178 SER SER A . n 
A 1 179 ASP 179 179 179 ASP ASP A . n 
A 1 180 LEU 180 180 180 LEU LEU A . n 
A 1 181 PRO 181 181 181 PRO PRO A . n 
A 1 182 PRO 182 182 182 PRO PRO A . n 
A 1 183 SER 183 183 183 SER SER A . n 
A 1 184 ALA 184 184 184 ALA ALA A . n 
A 1 185 ARG 185 185 185 ARG ARG A . n 
A 1 186 ALA 186 186 186 ALA ALA A . n 
A 1 187 PRO 187 187 187 PRO PRO A . n 
A 1 188 VAL 188 188 188 VAL VAL A . n 
A 1 189 ILE 189 189 189 ILE ILE A . n 
A 1 190 ILE 190 190 190 ILE ILE A . n 
A 1 191 ASP 191 191 191 ASP ASP A . n 
A 1 192 CYS 192 192 192 CYS CYS A . n 
A 1 193 PHE 193 193 193 PHE PHE A . n 
A 1 194 ARG 194 194 194 ARG ARG A . n 
A 1 195 GLN 195 195 195 GLN GLN A . n 
A 1 196 LYS 196 196 196 LYS LYS A . n 
A 1 197 SER 197 197 197 SER SER A . n 
A 1 198 GLN 198 198 198 GLN GLN A . n 
A 1 199 PRO 199 199 199 PRO PRO A . n 
A 1 200 ASP 200 200 200 ASP ASP A . n 
A 1 201 ILE 201 201 201 ILE ILE A . n 
A 1 202 GLN 202 202 202 GLN GLN A . n 
A 1 203 GLN 203 203 203 GLN GLN A . n 
A 1 204 LEU 204 204 204 LEU LEU A . n 
A 1 205 ILE 205 205 205 ILE ILE A . n 
A 1 206 ARG 206 206 206 ARG ARG A . n 
A 1 207 THR 207 207 207 THR THR A . n 
A 1 208 ALA 208 208 208 ALA ALA A . n 
A 1 209 PRO 209 209 209 PRO PRO A . n 
A 1 210 SER 210 210 210 SER SER A . n 
A 1 211 THR 211 211 211 THR THR A . n 
A 1 212 LEU 212 212 212 LEU LEU A . n 
A 1 213 THR 213 213 213 THR THR A . n 
A 1 214 THR 214 214 214 THR THR A . n 
A 1 215 PRO 215 215 215 PRO PRO A . n 
A 1 216 GLY 216 216 216 GLY GLY A . n 
A 1 217 GLU 217 217 217 GLU GLU A . n 
A 1 218 ILE 218 218 218 ILE ILE A . n 
A 1 219 ILE 219 219 219 ILE ILE A . n 
A 1 220 LYS 220 220 220 LYS LYS A . n 
A 1 221 TYR 221 221 221 TYR TYR A . n 
A 1 222 VAL 222 222 222 VAL VAL A . n 
A 1 223 LEU 223 223 223 LEU LEU A . n 
A 1 224 ASP 224 224 224 ASP ASP A . n 
A 1 225 ARG 225 225 225 ARG ARG A . n 
A 1 226 GLN 226 226 226 GLN GLN A . n 
# 
_cell.entry_id           2X8Q 
_cell.length_a           1.000 
_cell.length_b           1.000 
_cell.length_c           1.000 
_cell.angle_alpha        90.00 
_cell.angle_beta         90.00 
_cell.angle_gamma        90.00 
_cell.Z_PDB              1 
_cell.pdbx_unique_axis   ? 
# 
_symmetry.entry_id                         2X8Q 
_symmetry.space_group_name_H-M             'P 1' 
_symmetry.pdbx_full_space_group_name_H-M   ? 
_symmetry.cell_setting                     ? 
_symmetry.Int_Tables_number                1 
# 
_exptl.entry_id          2X8Q 
_exptl.method            'ELECTRON MICROSCOPY' 
_exptl.crystals_number   ? 
# 
_exptl_crystal.id                    1 
_exptl_crystal.density_meas          ? 
_exptl_crystal.density_Matthews      ? 
_exptl_crystal.density_percent_sol   ? 
_exptl_crystal.description           ? 
# 
_diffrn.id                     1 
_diffrn.ambient_temp           ? 
_diffrn.ambient_temp_details   ? 
_diffrn.crystal_id             1 
# 
_diffrn_radiation.diffrn_id                        1 
_diffrn_radiation.wavelength_id                    1 
_diffrn_radiation.pdbx_monochromatic_or_laue_m_l   ? 
_diffrn_radiation.monochromator                    ? 
_diffrn_radiation.pdbx_diffrn_protocol             ? 
_diffrn_radiation.pdbx_scattering_type             ? 
# 
_diffrn_radiation_wavelength.id           1 
_diffrn_radiation_wavelength.wavelength   . 
_diffrn_radiation_wavelength.wt           1.0 
# 
_refine.pdbx_refine_id                           'ELECTRON MICROSCOPY' 
_refine.entry_id                                 2X8Q 
_refine.pdbx_diffrn_id                           1 
_refine.pdbx_TLS_residual_ADP_flag               ? 
_refine.ls_number_reflns_obs                     ? 
_refine.ls_number_reflns_all                     ? 
_refine.pdbx_ls_sigma_I                          ? 
_refine.pdbx_ls_sigma_F                          ? 
_refine.pdbx_data_cutoff_high_absF               ? 
_refine.pdbx_data_cutoff_low_absF                ? 
_refine.pdbx_data_cutoff_high_rms_absF           ? 
_refine.ls_d_res_low                             ? 
_refine.ls_d_res_high                            18.30 
_refine.ls_percent_reflns_obs                    ? 
_refine.ls_R_factor_obs                          ? 
_refine.ls_R_factor_all                          ? 
_refine.ls_R_factor_R_work                       ? 
_refine.ls_R_factor_R_free                       ? 
_refine.ls_R_factor_R_free_error                 ? 
_refine.ls_R_factor_R_free_error_details         ? 
_refine.ls_percent_reflns_R_free                 ? 
_refine.ls_number_reflns_R_free                  ? 
_refine.ls_number_parameters                     ? 
_refine.ls_number_restraints                     ? 
_refine.occupancy_min                            ? 
_refine.occupancy_max                            ? 
_refine.correlation_coeff_Fo_to_Fc               ? 
_refine.correlation_coeff_Fo_to_Fc_free          ? 
_refine.B_iso_mean                               ? 
_refine.aniso_B[1][1]                            ? 
_refine.aniso_B[2][2]                            ? 
_refine.aniso_B[3][3]                            ? 
_refine.aniso_B[1][2]                            ? 
_refine.aniso_B[1][3]                            ? 
_refine.aniso_B[2][3]                            ? 
_refine.solvent_model_details                    ? 
_refine.solvent_model_param_ksol                 ? 
_refine.solvent_model_param_bsol                 ? 
_refine.pdbx_solvent_vdw_probe_radii             ? 
_refine.pdbx_solvent_ion_probe_radii             ? 
_refine.pdbx_solvent_shrinkage_radii             ? 
_refine.pdbx_ls_cross_valid_method               ? 
_refine.details                                  ? 
_refine.pdbx_starting_model                      ? 
_refine.pdbx_method_to_determine_struct          ? 
_refine.pdbx_isotropic_thermal_model             ? 
_refine.pdbx_stereochemistry_target_values       ? 
_refine.pdbx_stereochem_target_val_spec_case     ? 
_refine.pdbx_R_Free_selection_details            ? 
_refine.pdbx_overall_ESU_R                       ? 
_refine.pdbx_overall_ESU_R_Free                  ? 
_refine.overall_SU_ML                            ? 
_refine.pdbx_overall_phase_error                 ? 
_refine.overall_SU_B                             ? 
_refine.overall_SU_R_Cruickshank_DPI             ? 
_refine.pdbx_overall_SU_R_free_Cruickshank_DPI   ? 
_refine.pdbx_overall_SU_R_Blow_DPI               ? 
_refine.pdbx_overall_SU_R_free_Blow_DPI          ? 
# 
_refine_hist.pdbx_refine_id                   'ELECTRON MICROSCOPY' 
_refine_hist.cycle_id                         LAST 
_refine_hist.pdbx_number_atoms_protein        223 
_refine_hist.pdbx_number_atoms_nucleic_acid   0 
_refine_hist.pdbx_number_atoms_ligand         0 
_refine_hist.number_atoms_solvent             0 
_refine_hist.number_atoms_total               223 
_refine_hist.d_res_high                       18.30 
_refine_hist.d_res_low                        . 
# 
_struct.entry_id                  2X8Q 
_struct.title                     
'Cryo-EM 3D model of the icosahedral particle composed of Rous sarcoma virus capsid protein pentamers' 
_struct.pdbx_model_details        ? 
_struct.pdbx_CASP_flag            ? 
_struct.pdbx_model_type_details   'CA ATOMS ONLY, CHAIN A' 
# 
_struct_keywords.entry_id        2X8Q 
_struct_keywords.pdbx_keywords   VIRUS 
_struct_keywords.text            'CAPSID PROTEIN, VIRAL MATRIX PROTEIN, VIRUS' 
# 
_struct_asym.id                            A 
_struct_asym.pdbx_blank_PDB_chainid_flag   N 
_struct_asym.pdbx_modified                 N 
_struct_asym.entity_id                     1 
_struct_asym.details                       ? 
# 
_struct_ref.id                         1 
_struct_ref.db_name                    UNP 
_struct_ref.db_code                    GAG_RSVP 
_struct_ref.entity_id                  1 
_struct_ref.pdbx_seq_one_letter_code   ? 
_struct_ref.pdbx_align_begin           ? 
_struct_ref.pdbx_db_accession          P03322 
_struct_ref.pdbx_db_isoform            ? 
# 
_struct_ref_seq.align_id                      1 
_struct_ref_seq.ref_id                        1 
_struct_ref_seq.pdbx_PDB_id_code              2X8Q 
_struct_ref_seq.pdbx_strand_id                A 
_struct_ref_seq.seq_align_beg                 1 
_struct_ref_seq.pdbx_seq_align_beg_ins_code   ? 
_struct_ref_seq.seq_align_end                 226 
_struct_ref_seq.pdbx_seq_align_end_ins_code   ? 
_struct_ref_seq.pdbx_db_accession             P03322 
_struct_ref_seq.db_align_beg                  240 
_struct_ref_seq.pdbx_db_align_beg_ins_code    ? 
_struct_ref_seq.db_align_end                  465 
_struct_ref_seq.pdbx_db_align_end_ins_code    ? 
_struct_ref_seq.pdbx_auth_seq_align_beg       1 
_struct_ref_seq.pdbx_auth_seq_align_end       226 
# 
loop_
_pdbx_struct_assembly.id 
_pdbx_struct_assembly.details 
_pdbx_struct_assembly.method_details 
_pdbx_struct_assembly.oligomeric_details 
_pdbx_struct_assembly.oligomeric_count 
1 'complete icosahedral assembly'                ? 60-MERIC   60 
2 'icosahedral asymmetric unit'                  ? monomeric  1  
3 'icosahedral pentamer'                         ? pentameric 5  
4 'icosahedral 23 hexamer'                       ? hexameric  6  
5 'icosahedral asymmetric unit, std point frame' ? monomeric  1  
# 
loop_
_pdbx_struct_assembly_gen.assembly_id 
_pdbx_struct_assembly_gen.oper_expression 
_pdbx_struct_assembly_gen.asym_id_list 
1 '(1-60)'           A 
2 1                  A 
3 '(1-5)'            A 
4 '(1,2,6,10,23,24)' A 
5 P                  A 
# 
loop_
_pdbx_struct_oper_list.id 
_pdbx_struct_oper_list.type 
_pdbx_struct_oper_list.name 
_pdbx_struct_oper_list.symmetry_operation 
_pdbx_struct_oper_list.matrix[1][1] 
_pdbx_struct_oper_list.matrix[1][2] 
_pdbx_struct_oper_list.matrix[1][3] 
_pdbx_struct_oper_list.vector[1] 
_pdbx_struct_oper_list.matrix[2][1] 
_pdbx_struct_oper_list.matrix[2][2] 
_pdbx_struct_oper_list.matrix[2][3] 
_pdbx_struct_oper_list.vector[2] 
_pdbx_struct_oper_list.matrix[3][1] 
_pdbx_struct_oper_list.matrix[3][2] 
_pdbx_struct_oper_list.matrix[3][3] 
_pdbx_struct_oper_list.vector[3] 
P  'transform to point frame' ?     ?     0.84066788  -0.26013966 0.47497880  20.90039  -0.54041624 -0.45972636 0.70469991  27.98565  0.03503988  -0.84910484 -0.52706088 79.87793  
1  'identity operation'       1_555 x,y,z 1.00000000  0.00000000  0.00000000  0.00000   0.00000000  1.00000000  0.00000000  0.00000   0.00000000  0.00000000  1.00000000  0.00000   
2  'point symmetry operation' ?     ?     0.35370426  0.24344426  -0.90312136 -13.11177 0.09534175  0.95112365  0.29372394  1.05230   0.93048549  -0.18999658 0.31320609  29.79642  
3  'point symmetry operation' ?     ?     -0.69202422 0.48924283  -0.53079557 -44.40307 0.39771044  0.87204004  0.28525875  9.55500   0.60243580  -0.01369697 -0.79804981 26.72860  
4  'point symmetry operation' ?     ?     -0.69202422 0.39771045  0.60243579  -50.63039 0.48924282  0.87204005  -0.01369697 13.75765  -0.53079557 0.28525876  -0.79804982 -4.96384  
5  'point symmetry operation' ?     ?     0.35370426  0.09534175  0.93048549  -23.18778 0.24344425  0.95112365  -0.18999658 7.85234   -0.90312136 0.29372395  0.31320608  -21.48303 
6  'point symmetry operation' ?     ?     -0.99754442 -0.05950506 -0.03693629 -4.89277  -0.05950506 0.44195806  0.89505988  36.60553  -0.03693630 0.89505991  -0.44441365 -59.29746 
7  'point symmetry operation' ?     ?     -0.39287771 -0.29242536 0.87185693  7.02362   0.85393011  0.23581228  0.46389216  64.52040  -0.34124841 0.92675778  0.15706543  -71.11322 
8  'point symmetry operation' ?     ?     0.64440737  -0.53942633 0.54199482  37.84544  0.75616639  0.34403310  -0.55664495 67.39434  0.11380479  0.76854438  0.62959352  -60.98364 
9  'point symmetry operation' ?     ?     0.68081810  -0.45916103 -0.57066441 44.97799  -0.21769006 0.61706302  -0.75620385 41.25565  0.69935524  0.63906524  0.32015288  -42.90744 
10 'point symmetry operation' ?     ?     -0.33396391 -0.16255336 -0.92846352 18.56432  -0.72180275 0.67758398  0.14099908  22.22712  0.60619213  0.71725613  -0.34362007 -41.86533 
11 'point symmetry operation' ?     ?     -0.41590057 0.49688719  -0.76166256 -40.73840 0.49688717  -0.57730335 -0.64793824 146.52351 -0.76166255 -0.64793825 -0.00679607 64.34658  
12 'point symmetry operation' ?     ?     -0.80844767 0.51606582  0.28299901  -57.45715 -0.48218713 -0.30501649 -0.82125544 120.09470 -0.33750250 -0.80040054 0.49543017  73.44900  
13 'point symmetry operation' ?     ?     0.02657770  0.24026162  0.97034426  -37.88155 -0.96379872 -0.25145836 0.08866065  101.62558 0.26530293  -0.93757296 0.22488065  91.79404  
14 'point symmetry operation' ?     ?     0.93519886  0.05062661  0.35048542  -9.06442  -0.28237674 -0.49064448 0.82433693  116.63985 0.21369712  -0.86988789 -0.44455438 94.02948  
15 'point symmetry operation' ?     ?     0.66173225  0.20922993  -0.71995366 -10.83005 0.62037679  -0.69202777 0.36909377  144.38829 -0.42100246 -0.69088380 -0.58773847 77.06601  
16 'point symmetry operation' ?     ?     0.41344499  -0.43738213 0.79859885  24.64998  -0.43738211 -0.86465471 -0.24712164 161.38095 0.79859885  -0.24712166 -0.54879028 44.75809  
17 'point symmetry operation' ?     ?     0.84762112  -0.46708473 -0.25173458 42.56411  -0.46708471 -0.88191944 0.06363934  158.84259 -0.25173459 0.06363934  -0.96570168 17.67501  
18 'point symmetry operation' ?     ?     0.02103915  -0.19007812 -0.98154351 23.45800  -0.19007812 -0.96461478 0.18272555  165.93507 -0.98154351 0.18272555  -0.05642436 -7.73180  
19 'point symmetry operation' ?     ?     -0.92399274 0.01082398  -0.38225680 -6.26437  0.01082397  -0.99845859 -0.05443610 172.85684 -0.38225680 -0.05443611 0.92245133  3.64902   
20 'point symmetry operation' ?     ?     -0.68147260 -0.14201830 0.71793168  -5.52769  -0.14201830 -0.93667987 -0.32009628 170.04224 0.71793168  -0.32009628 0.61815246  36.08955  
21 'point symmetry operation' ?     ?     -0.44378980 -0.58934023 -0.67507682 51.59121  0.06327760  0.73083478  -0.67961494 31.97687  0.89389404  -0.34432342 -0.28704498 50.37048  
22 'point symmetry operation' ?     ?     -0.84130825 -0.54031122 0.01625454  36.67504  -0.54031122 0.83964332  -0.05534322 11.66615  0.01625455  -0.05534321 -0.99833507 29.73470  
23 'point symmetry operation' ?     ?     -0.33396392 -0.72180275 0.60619213  47.62184  -0.16255338 0.67758397  0.71725612  17.98511  -0.92846352 0.14099909  -0.34362007 -0.28348  
24 'point symmetry operation' ?     ?     0.37711059  -0.88299970 0.27946225  69.30350  0.67450264  0.46861725  0.57047705  42.20117  -0.63469188 -0.02663491 0.77230615  1.80005   
25 'point symmetry operation' ?     ?     0.30923446  -0.80113335 -0.51240550 71.75671  0.81407385  0.50152806  -0.29283675 50.84855  0.49158703  -0.32658071 0.80727148  33.10592  
26 'point symmetry operation' ?     ?     0.50270360  -0.83829012 -0.21108949 72.21981  -0.08150812 -0.28906310 0.95383381  98.71929  -0.86060765 -0.46229019 -0.21364050 50.41376  
27 'point symmetry operation' ?     ?     -0.09853135 -0.63483096 -0.76634276 58.45663  0.83113898  -0.47600259 0.28745353  127.90466 -0.54726554 -0.60861415 0.57453394  54.84566  
28 'point symmetry operation' ?     ?     -0.80844767 -0.48218714 -0.33750250 36.24624  0.51606582  -0.30501649 -0.80040052 125.07115 0.28299902  -0.82125545 0.49543017  78.49989  
29 'point symmetry operation' ?     ?     -0.64596512 -0.59130721 0.48278860  36.28265  -0.59130720 -0.01240177 -0.80635103 94.13457  0.48278861  -0.80635103 -0.34163310 88.68711  
30 'point symmetry operation' ?     ?     0.16437092  -0.81139096 0.56091615  58.51553  -0.96062822 -0.00254203 0.27782542  77.84823  -0.22399917 -0.58449829 -0.77986288 71.32893  
31 'point symmetry operation' ?     ?     0.40591757  0.55712272  0.72446201  -60.12058 0.85446248  0.04987697  -0.51711327 92.75262  -0.32422952 0.82893098  -0.45579454 -54.96717 
32 'point symmetry operation' ?     ?     0.87079321  0.49106559  0.02395337  -43.27024 -0.17418401 0.35370291  -0.91899629 66.19346  -0.45975983 0.79608344  0.39353787  -63.42471 
33 'point symmetry operation' ?     ?     0.37711059  0.67450265  -0.63469189 -53.45741 -0.88299968 0.46861725  -0.02663490 41.46672  0.27946225  0.57047705  0.77230615  -44.83270 
34 'point symmetry operation' ?     ?     -0.39287771 0.85393011  -0.34124841 -76.60376 -0.29242536 0.23581228  0.92675778  52.74391  0.87185693  0.46389216  0.15706543  -24.88467 
35 'point symmetry operation' ?     ?     -0.37507402 0.78138533  0.49875490  -80.72183 0.78138533  -0.02298344 0.62362547  84.44034  0.49875490  0.62362548  -0.60194253 -31.14811 
36 'point symmetry operation' ?     ?     -0.46483136 0.87050763  0.16170430  -84.67163 -0.83623196 -0.49164866 0.24289440  121.06121 0.29094312  -0.02231738 0.95648002  3.99013   
37 'point symmetry operation' ?     ?     0.06904639  0.68407660  0.72613484  -72.84262 -0.11664374 -0.71734365 0.68688597  138.74571 0.99077083  -0.13212609 0.03026327  28.65155  
38 'point symmetry operation' ?     ?     0.76530100  0.52948724  0.36600226  -51.39186 0.52948724  -0.84118473 0.10977931  159.98700 0.36600226  0.10977931  -0.92411625 16.42349  
39 'point symmetry operation' ?     ?     0.66173225  0.62037680  -0.42100246 -49.96358 0.20922992  -0.69202776 -0.69088379 155.43034 -0.71995366 0.36909378  -0.58773848 -15.79529 
40 'point symmetry operation' ?     ?     -0.09853135 0.83113898  -0.54726554 -70.53160 -0.63483096 -0.47600259 -0.60861415 131.37287 -0.76634276 0.28745353  0.57453394  -23.47953 
41 'point symmetry operation' ?     ?     -0.44378980 0.06327760  0.89389404  -24.15364 -0.58934023 0.73083478  -0.34432342 24.37871  -0.67507682 -0.67961494 -0.28704498 71.01858  
42 'point symmetry operation' ?     ?     0.68081809  -0.21769007 0.69935525  8.36666   -0.45916103 0.61706302  0.63906523  22.61545  -0.57066442 -0.75620385 0.32015287  70.60196  
43 'point symmetry operation' ?     ?     0.87079322  -0.17418402 -0.45975983 20.04914  0.49106558  0.35370290  0.79608344  48.32706  0.02395337  -0.91899629 0.39353787  86.82804  
44 'point symmetry operation' ?     ?     -0.13640359 0.13367187  -0.98159355 -5.25099  0.94815873  0.30470916  -0.09026262 65.98097  0.28703498  -0.94301865 -0.16830557 97.27293  
45 'point symmetry operation' ?     ?     -0.94886058 0.28043121  -0.14498945 -32.56981 0.28043121  0.53778948  -0.79507283 51.18007  -0.14498944 -0.79507283 -0.58892891 87.50215  
46 'point symmetry operation' ?     ?     0.40591756  0.85446250  -0.32422952 -72.67161 0.55712272  0.04987696  0.82893096  74.43231  0.72446201  -0.51711327 -0.45579452 66.46495  
47 'point symmetry operation' ?     ?     -0.07665015 0.97312028  -0.21716738 -86.75564 0.97312028  0.02557344  -0.22887314 91.87911  -0.21716738 -0.22887314 -0.94892329 42.84077  
48 'point symmetry operation' ?     ?     -0.13640360 0.94815874  0.28703497  -91.19742 0.13367186  0.30470916  -0.94301863 72.32709  -0.98159355 -0.09026263 -0.16830558 17.17285  
49 'point symmetry operation' ?     ?     0.30923445  0.81407386  0.49158703  -79.85856 -0.80113335 0.50152806  -0.32658071 42.79648  -0.51240551 -0.29283675 0.80727147  24.93339  
50 'point symmetry operation' ?     ?     0.64440736  0.75616640  0.11380479  -68.40898 -0.53942633 0.34403309  0.76854437  44.09757  0.54199482  -0.55664496 0.62959353  55.39759  
51 'point symmetry operation' ?     ?     -0.46483136 -0.83623197 0.29094313  60.71632  0.87050761  -0.49164867 -0.02231737 133.31593 0.16170431  0.24289439  0.95648002  -19.52980 
52 'point symmetry operation' ?     ?     0.02657771  -0.96379873 0.26530293  74.60018  0.24026162  -0.25145836 -0.93757295 120.71969 0.97034425  0.08866065  0.22488065  7.10526   
53 'point symmetry operation' ?     ?     0.16437092  -0.96062822 -0.22399918 81.14257  -0.81139094 -0.00254203 -0.58449830 89.36850  0.56091614  0.27782543  -0.77986288 1.17626   
54 'point symmetry operation' ?     ?     -0.24187726 -0.83110198 -0.50076431 71.30213  -0.83110198 -0.08889358 0.54896942  82.58864  -0.50076431 0.54896942  -0.66922917 -29.12311 
55 'point symmetry operation' ?     ?     -0.63074565 -0.75422088 -0.18251246 58.67802  0.20836851  -0.39117810 0.89641634  109.74964 -0.74749080 0.52738086  0.40388977  -41.92016 
56 'point symmetry operation' ?     ?     0.50270359  -0.08150813 -0.86060765 15.12774  -0.83829011 -0.28906308 -0.46229018 112.38304 -0.21108950 0.95383383  -0.21364051 -68.14654 
57 'point symmetry operation' ?     ?     -0.63074566 0.20836851  -0.74749080 -17.19240 -0.75422087 -0.39117809 0.52738086  109.29573 -0.18251247 0.89641635  0.40388976  -70.74078 
58 'point symmetry operation' ?     ?     -0.89876054 0.18665350  0.39672403  -30.97549 0.18665350  -0.65587003 0.73143349  134.48733 0.39672403  0.73143349  0.55463059  -55.36995 
59 'point symmetry operation' ?     ?     0.06904639  -0.11664375 0.99077083  -7.17378  0.68407659  -0.71734365 -0.13212608 153.14390 0.72613484  0.68688597  0.03026326  -43.27601 
60 'point symmetry operation' ?     ?     0.93519886  -0.28237674 0.21369712  21.31959  0.05062661  -0.49064448 -0.86988789 139.48270 0.35048542  0.82433693  -0.44455438 -51.17237 
# 
_struct_biol.id   1 
# 
_pdbx_point_symmetry.entry_id             2X8Q 
_pdbx_point_symmetry.Schoenflies_symbol   I 
# 
_em_3d_fitting.id                1 
_em_3d_fitting.entry_id          2X8Q 
_em_3d_fitting.ref_protocol      'RIGID BODY FIT' 
_em_3d_fitting.ref_space         RECIPROCAL 
_em_3d_fitting.overall_b_value   ? 
_em_3d_fitting.target_criteria   'Cross-correlation coefficient' 
_em_3d_fitting.details           'METHOD--RIGID BODY REFINEMENT PROTOCOL--X-RAY' 
_em_3d_fitting.method            ? 
# 
loop_
_em_3d_fitting_list.3d_fitting_id 
_em_3d_fitting_list.id 
_em_3d_fitting_list.pdb_entry_id 
_em_3d_fitting_list.pdb_chain_id 
_em_3d_fitting_list.details 
_em_3d_fitting_list.initial_refinement_model_id 
_em_3d_fitting_list.chain_id 
_em_3d_fitting_list.chain_residue_range 
_em_3d_fitting_list.pdb_chain_residue_range 
_em_3d_fitting_list.source_name 
_em_3d_fitting_list.type 
_em_3d_fitting_list.accession_code 
1 1 1EM9 ? ? 1 ? ? ? PDB 'experimental model' 1EM9 
1 2 3G21 ? ? 2 ? ? ? PDB 'experimental model' 3G21 
# 
_em_3d_reconstruction.entry_id                    2X8Q 
_em_3d_reconstruction.id                          1 
_em_3d_reconstruction.symmetry_type               POINT 
_em_3d_reconstruction.num_particles               1310 
_em_3d_reconstruction.image_processing_id         1 
_em_3d_reconstruction.method                      'POLAR FOURIER TRANSFORM' 
_em_3d_reconstruction.nominal_pixel_size          2.50 
_em_3d_reconstruction.actual_pixel_size           2.50 
_em_3d_reconstruction.resolution                  18.3 
_em_3d_reconstruction.magnification_calibration   ? 
_em_3d_reconstruction.details                     'SUBMISSION BASED ON EXPERIMENTAL DATA FROM EMDB EMD-1710.' 
_em_3d_reconstruction.num_class_averages          ? 
_em_3d_reconstruction.resolution_method           ? 
_em_3d_reconstruction.algorithm                   ? 
# 
_em_buffer.id            1 
_em_buffer.specimen_id   1 
_em_buffer.name          '0.1M CITRIC ACID, 5MM MOPS/KOH, 725MM NACL, 0.25MM NA AZIDE, 0.125MM TCEP-HCL' 
_em_buffer.pH            5 
_em_buffer.details       '0.1M CITRIC ACID, 5MM MOPS/KOH, 725MM NACL, 0.25MM NA AZIDE, 0.125MM TCEP-HCL' 
# 
_em_entity_assembly.id                   1 
_em_entity_assembly.name                 'ICOSAHEDRAL PARTICLES COMPOSED OF ROUS SARCOMA VIRUS CAPSID PROTEIN' 
_em_entity_assembly.type                 VIRUS 
_em_entity_assembly.parent_id            0 
_em_entity_assembly.synonym              ? 
_em_entity_assembly.details              ? 
_em_entity_assembly.oligomeric_details   ? 
# 
_em_image_scans.entry_id                2X8Q 
_em_image_scans.id                      1 
_em_image_scans.image_recording_id      1 
_em_image_scans.number_digital_images   21 
_em_image_scans.citation_id             ? 
_em_image_scans.od_range                ? 
_em_image_scans.quant_bit_size          ? 
_em_image_scans.sampling_size           ? 
_em_image_scans.scanner_model           ? 
_em_image_scans.details                 ? 
# 
_em_imaging.entry_id                        2X8Q 
_em_imaging.id                              1 
_em_imaging.specimen_id                     1 
_em_imaging.date                            ? 
_em_imaging.temperature                     103 
_em_imaging.microscope_model                'FEI TECNAI 12' 
_em_imaging.nominal_defocus_min             800 
_em_imaging.nominal_defocus_max             3000 
_em_imaging.tilt_angle_min                  ? 
_em_imaging.tilt_angle_max                  ? 
_em_imaging.nominal_cs                      2.0 
_em_imaging.mode                            'BRIGHT FIELD' 
_em_imaging.illumination_mode               'FLOOD BEAM' 
_em_imaging.nominal_magnification           42000 
_em_imaging.calibrated_magnification        ? 
_em_imaging.electron_source                 LAB6 
_em_imaging.accelerating_voltage            120 
_em_imaging.details                         ? 
_em_imaging.specimen_holder_type            . 
_em_imaging.specimen_holder_model           . 
_em_imaging.citation_id                     ? 
_em_imaging.astigmatism                     ? 
_em_imaging.detector_distance               ? 
_em_imaging.electron_beam_tilt_params       ? 
_em_imaging.recording_temperature_maximum   ? 
_em_imaging.recording_temperature_minimum   ? 
# 
_em_sample_support.id               1 
_em_sample_support.specimen_id      1 
_em_sample_support.details          'HOLEY CARBON' 
_em_sample_support.method           ? 
_em_sample_support.film_material    ? 
_em_sample_support.grid_material    ? 
_em_sample_support.grid_mesh_size   ? 
_em_sample_support.grid_type        ? 
# 
_em_vitrification.entry_id              2X8Q 
_em_vitrification.id                    1 
_em_vitrification.instrument            'FEI VITROBOT MARK IV' 
_em_vitrification.cryogen_name          ETHANE 
_em_vitrification.specimen_id           1 
_em_vitrification.details               
'CRYOGEN- ETHANE, HUMIDITY- 90, TEMPERATURE- 85, INSTRUMENT- VITROBOT MARK IV, METHOD- BLOT FOR 5 SECONDS BEFORE PLUNGING,' 
_em_vitrification.citation_id           ? 
_em_vitrification.humidity              ? 
_em_vitrification.method                ? 
_em_vitrification.temp                  ? 
_em_vitrification.time_resolved_state   ? 
# 
_em_experiment.entry_id                2X8Q 
_em_experiment.id                      1 
_em_experiment.aggregation_state       PARTICLE 
_em_experiment.entity_assembly_id      1 
_em_experiment.reconstruction_method   'SINGLE PARTICLE' 
# 
_em_single_particle_entity.entry_id              2X8Q 
_em_single_particle_entity.id                    1 
_em_single_particle_entity.point_symmetry        I 
_em_single_particle_entity.image_processing_id   1 
# 
loop_
_pdbx_unobs_or_zero_occ_residues.id 
_pdbx_unobs_or_zero_occ_residues.PDB_model_num 
_pdbx_unobs_or_zero_occ_residues.polymer_flag 
_pdbx_unobs_or_zero_occ_residues.occupancy_flag 
_pdbx_unobs_or_zero_occ_residues.auth_asym_id 
_pdbx_unobs_or_zero_occ_residues.auth_comp_id 
_pdbx_unobs_or_zero_occ_residues.auth_seq_id 
_pdbx_unobs_or_zero_occ_residues.PDB_ins_code 
_pdbx_unobs_or_zero_occ_residues.label_asym_id 
_pdbx_unobs_or_zero_occ_residues.label_comp_id 
_pdbx_unobs_or_zero_occ_residues.label_seq_id 
1 1 Y 1 A GLU 148 ? A GLU 148 
2 1 Y 1 A PRO 149 ? A PRO 149 
3 1 Y 1 A ALA 150 ? A ALA 150 
# 
loop_
_chem_comp_atom.comp_id 
_chem_comp_atom.atom_id 
_chem_comp_atom.type_symbol 
_chem_comp_atom.pdbx_aromatic_flag 
_chem_comp_atom.pdbx_stereo_config 
_chem_comp_atom.pdbx_ordinal 
ALA N    N N N 1   
ALA CA   C N S 2   
ALA C    C N N 3   
ALA O    O N N 4   
ALA CB   C N N 5   
ALA OXT  O N N 6   
ALA H    H N N 7   
ALA H2   H N N 8   
ALA HA   H N N 9   
ALA HB1  H N N 10  
ALA HB2  H N N 11  
ALA HB3  H N N 12  
ALA HXT  H N N 13  
ARG N    N N N 14  
ARG CA   C N S 15  
ARG C    C N N 16  
ARG O    O N N 17  
ARG CB   C N N 18  
ARG CG   C N N 19  
ARG CD   C N N 20  
ARG NE   N N N 21  
ARG CZ   C N N 22  
ARG NH1  N N N 23  
ARG NH2  N N N 24  
ARG OXT  O N N 25  
ARG H    H N N 26  
ARG H2   H N N 27  
ARG HA   H N N 28  
ARG HB2  H N N 29  
ARG HB3  H N N 30  
ARG HG2  H N N 31  
ARG HG3  H N N 32  
ARG HD2  H N N 33  
ARG HD3  H N N 34  
ARG HE   H N N 35  
ARG HH11 H N N 36  
ARG HH12 H N N 37  
ARG HH21 H N N 38  
ARG HH22 H N N 39  
ARG HXT  H N N 40  
ASN N    N N N 41  
ASN CA   C N S 42  
ASN C    C N N 43  
ASN O    O N N 44  
ASN CB   C N N 45  
ASN CG   C N N 46  
ASN OD1  O N N 47  
ASN ND2  N N N 48  
ASN OXT  O N N 49  
ASN H    H N N 50  
ASN H2   H N N 51  
ASN HA   H N N 52  
ASN HB2  H N N 53  
ASN HB3  H N N 54  
ASN HD21 H N N 55  
ASN HD22 H N N 56  
ASN HXT  H N N 57  
ASP N    N N N 58  
ASP CA   C N S 59  
ASP C    C N N 60  
ASP O    O N N 61  
ASP CB   C N N 62  
ASP CG   C N N 63  
ASP OD1  O N N 64  
ASP OD2  O N N 65  
ASP OXT  O N N 66  
ASP H    H N N 67  
ASP H2   H N N 68  
ASP HA   H N N 69  
ASP HB2  H N N 70  
ASP HB3  H N N 71  
ASP HD2  H N N 72  
ASP HXT  H N N 73  
CYS N    N N N 74  
CYS CA   C N R 75  
CYS C    C N N 76  
CYS O    O N N 77  
CYS CB   C N N 78  
CYS SG   S N N 79  
CYS OXT  O N N 80  
CYS H    H N N 81  
CYS H2   H N N 82  
CYS HA   H N N 83  
CYS HB2  H N N 84  
CYS HB3  H N N 85  
CYS HG   H N N 86  
CYS HXT  H N N 87  
GLN N    N N N 88  
GLN CA   C N S 89  
GLN C    C N N 90  
GLN O    O N N 91  
GLN CB   C N N 92  
GLN CG   C N N 93  
GLN CD   C N N 94  
GLN OE1  O N N 95  
GLN NE2  N N N 96  
GLN OXT  O N N 97  
GLN H    H N N 98  
GLN H2   H N N 99  
GLN HA   H N N 100 
GLN HB2  H N N 101 
GLN HB3  H N N 102 
GLN HG2  H N N 103 
GLN HG3  H N N 104 
GLN HE21 H N N 105 
GLN HE22 H N N 106 
GLN HXT  H N N 107 
GLU N    N N N 108 
GLU CA   C N S 109 
GLU C    C N N 110 
GLU O    O N N 111 
GLU CB   C N N 112 
GLU CG   C N N 113 
GLU CD   C N N 114 
GLU OE1  O N N 115 
GLU OE2  O N N 116 
GLU OXT  O N N 117 
GLU H    H N N 118 
GLU H2   H N N 119 
GLU HA   H N N 120 
GLU HB2  H N N 121 
GLU HB3  H N N 122 
GLU HG2  H N N 123 
GLU HG3  H N N 124 
GLU HE2  H N N 125 
GLU HXT  H N N 126 
GLY N    N N N 127 
GLY CA   C N N 128 
GLY C    C N N 129 
GLY O    O N N 130 
GLY OXT  O N N 131 
GLY H    H N N 132 
GLY H2   H N N 133 
GLY HA2  H N N 134 
GLY HA3  H N N 135 
GLY HXT  H N N 136 
HIS N    N N N 137 
HIS CA   C N S 138 
HIS C    C N N 139 
HIS O    O N N 140 
HIS CB   C N N 141 
HIS CG   C Y N 142 
HIS ND1  N Y N 143 
HIS CD2  C Y N 144 
HIS CE1  C Y N 145 
HIS NE2  N Y N 146 
HIS OXT  O N N 147 
HIS H    H N N 148 
HIS H2   H N N 149 
HIS HA   H N N 150 
HIS HB2  H N N 151 
HIS HB3  H N N 152 
HIS HD1  H N N 153 
HIS HD2  H N N 154 
HIS HE1  H N N 155 
HIS HE2  H N N 156 
HIS HXT  H N N 157 
ILE N    N N N 158 
ILE CA   C N S 159 
ILE C    C N N 160 
ILE O    O N N 161 
ILE CB   C N S 162 
ILE CG1  C N N 163 
ILE CG2  C N N 164 
ILE CD1  C N N 165 
ILE OXT  O N N 166 
ILE H    H N N 167 
ILE H2   H N N 168 
ILE HA   H N N 169 
ILE HB   H N N 170 
ILE HG12 H N N 171 
ILE HG13 H N N 172 
ILE HG21 H N N 173 
ILE HG22 H N N 174 
ILE HG23 H N N 175 
ILE HD11 H N N 176 
ILE HD12 H N N 177 
ILE HD13 H N N 178 
ILE HXT  H N N 179 
LEU N    N N N 180 
LEU CA   C N S 181 
LEU C    C N N 182 
LEU O    O N N 183 
LEU CB   C N N 184 
LEU CG   C N N 185 
LEU CD1  C N N 186 
LEU CD2  C N N 187 
LEU OXT  O N N 188 
LEU H    H N N 189 
LEU H2   H N N 190 
LEU HA   H N N 191 
LEU HB2  H N N 192 
LEU HB3  H N N 193 
LEU HG   H N N 194 
LEU HD11 H N N 195 
LEU HD12 H N N 196 
LEU HD13 H N N 197 
LEU HD21 H N N 198 
LEU HD22 H N N 199 
LEU HD23 H N N 200 
LEU HXT  H N N 201 
LYS N    N N N 202 
LYS CA   C N S 203 
LYS C    C N N 204 
LYS O    O N N 205 
LYS CB   C N N 206 
LYS CG   C N N 207 
LYS CD   C N N 208 
LYS CE   C N N 209 
LYS NZ   N N N 210 
LYS OXT  O N N 211 
LYS H    H N N 212 
LYS H2   H N N 213 
LYS HA   H N N 214 
LYS HB2  H N N 215 
LYS HB3  H N N 216 
LYS HG2  H N N 217 
LYS HG3  H N N 218 
LYS HD2  H N N 219 
LYS HD3  H N N 220 
LYS HE2  H N N 221 
LYS HE3  H N N 222 
LYS HZ1  H N N 223 
LYS HZ2  H N N 224 
LYS HZ3  H N N 225 
LYS HXT  H N N 226 
MET N    N N N 227 
MET CA   C N S 228 
MET C    C N N 229 
MET O    O N N 230 
MET CB   C N N 231 
MET CG   C N N 232 
MET SD   S N N 233 
MET CE   C N N 234 
MET OXT  O N N 235 
MET H    H N N 236 
MET H2   H N N 237 
MET HA   H N N 238 
MET HB2  H N N 239 
MET HB3  H N N 240 
MET HG2  H N N 241 
MET HG3  H N N 242 
MET HE1  H N N 243 
MET HE2  H N N 244 
MET HE3  H N N 245 
MET HXT  H N N 246 
PHE N    N N N 247 
PHE CA   C N S 248 
PHE C    C N N 249 
PHE O    O N N 250 
PHE CB   C N N 251 
PHE CG   C Y N 252 
PHE CD1  C Y N 253 
PHE CD2  C Y N 254 
PHE CE1  C Y N 255 
PHE CE2  C Y N 256 
PHE CZ   C Y N 257 
PHE OXT  O N N 258 
PHE H    H N N 259 
PHE H2   H N N 260 
PHE HA   H N N 261 
PHE HB2  H N N 262 
PHE HB3  H N N 263 
PHE HD1  H N N 264 
PHE HD2  H N N 265 
PHE HE1  H N N 266 
PHE HE2  H N N 267 
PHE HZ   H N N 268 
PHE HXT  H N N 269 
PRO N    N N N 270 
PRO CA   C N S 271 
PRO C    C N N 272 
PRO O    O N N 273 
PRO CB   C N N 274 
PRO CG   C N N 275 
PRO CD   C N N 276 
PRO OXT  O N N 277 
PRO H    H N N 278 
PRO HA   H N N 279 
PRO HB2  H N N 280 
PRO HB3  H N N 281 
PRO HG2  H N N 282 
PRO HG3  H N N 283 
PRO HD2  H N N 284 
PRO HD3  H N N 285 
PRO HXT  H N N 286 
SER N    N N N 287 
SER CA   C N S 288 
SER C    C N N 289 
SER O    O N N 290 
SER CB   C N N 291 
SER OG   O N N 292 
SER OXT  O N N 293 
SER H    H N N 294 
SER H2   H N N 295 
SER HA   H N N 296 
SER HB2  H N N 297 
SER HB3  H N N 298 
SER HG   H N N 299 
SER HXT  H N N 300 
THR N    N N N 301 
THR CA   C N S 302 
THR C    C N N 303 
THR O    O N N 304 
THR CB   C N R 305 
THR OG1  O N N 306 
THR CG2  C N N 307 
THR OXT  O N N 308 
THR H    H N N 309 
THR H2   H N N 310 
THR HA   H N N 311 
THR HB   H N N 312 
THR HG1  H N N 313 
THR HG21 H N N 314 
THR HG22 H N N 315 
THR HG23 H N N 316 
THR HXT  H N N 317 
TRP N    N N N 318 
TRP CA   C N S 319 
TRP C    C N N 320 
TRP O    O N N 321 
TRP CB   C N N 322 
TRP CG   C Y N 323 
TRP CD1  C Y N 324 
TRP CD2  C Y N 325 
TRP NE1  N Y N 326 
TRP CE2  C Y N 327 
TRP CE3  C Y N 328 
TRP CZ2  C Y N 329 
TRP CZ3  C Y N 330 
TRP CH2  C Y N 331 
TRP OXT  O N N 332 
TRP H    H N N 333 
TRP H2   H N N 334 
TRP HA   H N N 335 
TRP HB2  H N N 336 
TRP HB3  H N N 337 
TRP HD1  H N N 338 
TRP HE1  H N N 339 
TRP HE3  H N N 340 
TRP HZ2  H N N 341 
TRP HZ3  H N N 342 
TRP HH2  H N N 343 
TRP HXT  H N N 344 
TYR N    N N N 345 
TYR CA   C N S 346 
TYR C    C N N 347 
TYR O    O N N 348 
TYR CB   C N N 349 
TYR CG   C Y N 350 
TYR CD1  C Y N 351 
TYR CD2  C Y N 352 
TYR CE1  C Y N 353 
TYR CE2  C Y N 354 
TYR CZ   C Y N 355 
TYR OH   O N N 356 
TYR OXT  O N N 357 
TYR H    H N N 358 
TYR H2   H N N 359 
TYR HA   H N N 360 
TYR HB2  H N N 361 
TYR HB3  H N N 362 
TYR HD1  H N N 363 
TYR HD2  H N N 364 
TYR HE1  H N N 365 
TYR HE2  H N N 366 
TYR HH   H N N 367 
TYR HXT  H N N 368 
VAL N    N N N 369 
VAL CA   C N S 370 
VAL C    C N N 371 
VAL O    O N N 372 
VAL CB   C N N 373 
VAL CG1  C N N 374 
VAL CG2  C N N 375 
VAL OXT  O N N 376 
VAL H    H N N 377 
VAL H2   H N N 378 
VAL HA   H N N 379 
VAL HB   H N N 380 
VAL HG11 H N N 381 
VAL HG12 H N N 382 
VAL HG13 H N N 383 
VAL HG21 H N N 384 
VAL HG22 H N N 385 
VAL HG23 H N N 386 
VAL HXT  H N N 387 
# 
loop_
_chem_comp_bond.comp_id 
_chem_comp_bond.atom_id_1 
_chem_comp_bond.atom_id_2 
_chem_comp_bond.value_order 
_chem_comp_bond.pdbx_aromatic_flag 
_chem_comp_bond.pdbx_stereo_config 
_chem_comp_bond.pdbx_ordinal 
ALA N   CA   sing N N 1   
ALA N   H    sing N N 2   
ALA N   H2   sing N N 3   
ALA CA  C    sing N N 4   
ALA CA  CB   sing N N 5   
ALA CA  HA   sing N N 6   
ALA C   O    doub N N 7   
ALA C   OXT  sing N N 8   
ALA CB  HB1  sing N N 9   
ALA CB  HB2  sing N N 10  
ALA CB  HB3  sing N N 11  
ALA OXT HXT  sing N N 12  
ARG N   CA   sing N N 13  
ARG N   H    sing N N 14  
ARG N   H2   sing N N 15  
ARG CA  C    sing N N 16  
ARG CA  CB   sing N N 17  
ARG CA  HA   sing N N 18  
ARG C   O    doub N N 19  
ARG C   OXT  sing N N 20  
ARG CB  CG   sing N N 21  
ARG CB  HB2  sing N N 22  
ARG CB  HB3  sing N N 23  
ARG CG  CD   sing N N 24  
ARG CG  HG2  sing N N 25  
ARG CG  HG3  sing N N 26  
ARG CD  NE   sing N N 27  
ARG CD  HD2  sing N N 28  
ARG CD  HD3  sing N N 29  
ARG NE  CZ   sing N N 30  
ARG NE  HE   sing N N 31  
ARG CZ  NH1  sing N N 32  
ARG CZ  NH2  doub N N 33  
ARG NH1 HH11 sing N N 34  
ARG NH1 HH12 sing N N 35  
ARG NH2 HH21 sing N N 36  
ARG NH2 HH22 sing N N 37  
ARG OXT HXT  sing N N 38  
ASN N   CA   sing N N 39  
ASN N   H    sing N N 40  
ASN N   H2   sing N N 41  
ASN CA  C    sing N N 42  
ASN CA  CB   sing N N 43  
ASN CA  HA   sing N N 44  
ASN C   O    doub N N 45  
ASN C   OXT  sing N N 46  
ASN CB  CG   sing N N 47  
ASN CB  HB2  sing N N 48  
ASN CB  HB3  sing N N 49  
ASN CG  OD1  doub N N 50  
ASN CG  ND2  sing N N 51  
ASN ND2 HD21 sing N N 52  
ASN ND2 HD22 sing N N 53  
ASN OXT HXT  sing N N 54  
ASP N   CA   sing N N 55  
ASP N   H    sing N N 56  
ASP N   H2   sing N N 57  
ASP CA  C    sing N N 58  
ASP CA  CB   sing N N 59  
ASP CA  HA   sing N N 60  
ASP C   O    doub N N 61  
ASP C   OXT  sing N N 62  
ASP CB  CG   sing N N 63  
ASP CB  HB2  sing N N 64  
ASP CB  HB3  sing N N 65  
ASP CG  OD1  doub N N 66  
ASP CG  OD2  sing N N 67  
ASP OD2 HD2  sing N N 68  
ASP OXT HXT  sing N N 69  
CYS N   CA   sing N N 70  
CYS N   H    sing N N 71  
CYS N   H2   sing N N 72  
CYS CA  C    sing N N 73  
CYS CA  CB   sing N N 74  
CYS CA  HA   sing N N 75  
CYS C   O    doub N N 76  
CYS C   OXT  sing N N 77  
CYS CB  SG   sing N N 78  
CYS CB  HB2  sing N N 79  
CYS CB  HB3  sing N N 80  
CYS SG  HG   sing N N 81  
CYS OXT HXT  sing N N 82  
GLN N   CA   sing N N 83  
GLN N   H    sing N N 84  
GLN N   H2   sing N N 85  
GLN CA  C    sing N N 86  
GLN CA  CB   sing N N 87  
GLN CA  HA   sing N N 88  
GLN C   O    doub N N 89  
GLN C   OXT  sing N N 90  
GLN CB  CG   sing N N 91  
GLN CB  HB2  sing N N 92  
GLN CB  HB3  sing N N 93  
GLN CG  CD   sing N N 94  
GLN CG  HG2  sing N N 95  
GLN CG  HG3  sing N N 96  
GLN CD  OE1  doub N N 97  
GLN CD  NE2  sing N N 98  
GLN NE2 HE21 sing N N 99  
GLN NE2 HE22 sing N N 100 
GLN OXT HXT  sing N N 101 
GLU N   CA   sing N N 102 
GLU N   H    sing N N 103 
GLU N   H2   sing N N 104 
GLU CA  C    sing N N 105 
GLU CA  CB   sing N N 106 
GLU CA  HA   sing N N 107 
GLU C   O    doub N N 108 
GLU C   OXT  sing N N 109 
GLU CB  CG   sing N N 110 
GLU CB  HB2  sing N N 111 
GLU CB  HB3  sing N N 112 
GLU CG  CD   sing N N 113 
GLU CG  HG2  sing N N 114 
GLU CG  HG3  sing N N 115 
GLU CD  OE1  doub N N 116 
GLU CD  OE2  sing N N 117 
GLU OE2 HE2  sing N N 118 
GLU OXT HXT  sing N N 119 
GLY N   CA   sing N N 120 
GLY N   H    sing N N 121 
GLY N   H2   sing N N 122 
GLY CA  C    sing N N 123 
GLY CA  HA2  sing N N 124 
GLY CA  HA3  sing N N 125 
GLY C   O    doub N N 126 
GLY C   OXT  sing N N 127 
GLY OXT HXT  sing N N 128 
HIS N   CA   sing N N 129 
HIS N   H    sing N N 130 
HIS N   H2   sing N N 131 
HIS CA  C    sing N N 132 
HIS CA  CB   sing N N 133 
HIS CA  HA   sing N N 134 
HIS C   O    doub N N 135 
HIS C   OXT  sing N N 136 
HIS CB  CG   sing N N 137 
HIS CB  HB2  sing N N 138 
HIS CB  HB3  sing N N 139 
HIS CG  ND1  sing Y N 140 
HIS CG  CD2  doub Y N 141 
HIS ND1 CE1  doub Y N 142 
HIS ND1 HD1  sing N N 143 
HIS CD2 NE2  sing Y N 144 
HIS CD2 HD2  sing N N 145 
HIS CE1 NE2  sing Y N 146 
HIS CE1 HE1  sing N N 147 
HIS NE2 HE2  sing N N 148 
HIS OXT HXT  sing N N 149 
ILE N   CA   sing N N 150 
ILE N   H    sing N N 151 
ILE N   H2   sing N N 152 
ILE CA  C    sing N N 153 
ILE CA  CB   sing N N 154 
ILE CA  HA   sing N N 155 
ILE C   O    doub N N 156 
ILE C   OXT  sing N N 157 
ILE CB  CG1  sing N N 158 
ILE CB  CG2  sing N N 159 
ILE CB  HB   sing N N 160 
ILE CG1 CD1  sing N N 161 
ILE CG1 HG12 sing N N 162 
ILE CG1 HG13 sing N N 163 
ILE CG2 HG21 sing N N 164 
ILE CG2 HG22 sing N N 165 
ILE CG2 HG23 sing N N 166 
ILE CD1 HD11 sing N N 167 
ILE CD1 HD12 sing N N 168 
ILE CD1 HD13 sing N N 169 
ILE OXT HXT  sing N N 170 
LEU N   CA   sing N N 171 
LEU N   H    sing N N 172 
LEU N   H2   sing N N 173 
LEU CA  C    sing N N 174 
LEU CA  CB   sing N N 175 
LEU CA  HA   sing N N 176 
LEU C   O    doub N N 177 
LEU C   OXT  sing N N 178 
LEU CB  CG   sing N N 179 
LEU CB  HB2  sing N N 180 
LEU CB  HB3  sing N N 181 
LEU CG  CD1  sing N N 182 
LEU CG  CD2  sing N N 183 
LEU CG  HG   sing N N 184 
LEU CD1 HD11 sing N N 185 
LEU CD1 HD12 sing N N 186 
LEU CD1 HD13 sing N N 187 
LEU CD2 HD21 sing N N 188 
LEU CD2 HD22 sing N N 189 
LEU CD2 HD23 sing N N 190 
LEU OXT HXT  sing N N 191 
LYS N   CA   sing N N 192 
LYS N   H    sing N N 193 
LYS N   H2   sing N N 194 
LYS CA  C    sing N N 195 
LYS CA  CB   sing N N 196 
LYS CA  HA   sing N N 197 
LYS C   O    doub N N 198 
LYS C   OXT  sing N N 199 
LYS CB  CG   sing N N 200 
LYS CB  HB2  sing N N 201 
LYS CB  HB3  sing N N 202 
LYS CG  CD   sing N N 203 
LYS CG  HG2  sing N N 204 
LYS CG  HG3  sing N N 205 
LYS CD  CE   sing N N 206 
LYS CD  HD2  sing N N 207 
LYS CD  HD3  sing N N 208 
LYS CE  NZ   sing N N 209 
LYS CE  HE2  sing N N 210 
LYS CE  HE3  sing N N 211 
LYS NZ  HZ1  sing N N 212 
LYS NZ  HZ2  sing N N 213 
LYS NZ  HZ3  sing N N 214 
LYS OXT HXT  sing N N 215 
MET N   CA   sing N N 216 
MET N   H    sing N N 217 
MET N   H2   sing N N 218 
MET CA  C    sing N N 219 
MET CA  CB   sing N N 220 
MET CA  HA   sing N N 221 
MET C   O    doub N N 222 
MET C   OXT  sing N N 223 
MET CB  CG   sing N N 224 
MET CB  HB2  sing N N 225 
MET CB  HB3  sing N N 226 
MET CG  SD   sing N N 227 
MET CG  HG2  sing N N 228 
MET CG  HG3  sing N N 229 
MET SD  CE   sing N N 230 
MET CE  HE1  sing N N 231 
MET CE  HE2  sing N N 232 
MET CE  HE3  sing N N 233 
MET OXT HXT  sing N N 234 
PHE N   CA   sing N N 235 
PHE N   H    sing N N 236 
PHE N   H2   sing N N 237 
PHE CA  C    sing N N 238 
PHE CA  CB   sing N N 239 
PHE CA  HA   sing N N 240 
PHE C   O    doub N N 241 
PHE C   OXT  sing N N 242 
PHE CB  CG   sing N N 243 
PHE CB  HB2  sing N N 244 
PHE CB  HB3  sing N N 245 
PHE CG  CD1  doub Y N 246 
PHE CG  CD2  sing Y N 247 
PHE CD1 CE1  sing Y N 248 
PHE CD1 HD1  sing N N 249 
PHE CD2 CE2  doub Y N 250 
PHE CD2 HD2  sing N N 251 
PHE CE1 CZ   doub Y N 252 
PHE CE1 HE1  sing N N 253 
PHE CE2 CZ   sing Y N 254 
PHE CE2 HE2  sing N N 255 
PHE CZ  HZ   sing N N 256 
PHE OXT HXT  sing N N 257 
PRO N   CA   sing N N 258 
PRO N   CD   sing N N 259 
PRO N   H    sing N N 260 
PRO CA  C    sing N N 261 
PRO CA  CB   sing N N 262 
PRO CA  HA   sing N N 263 
PRO C   O    doub N N 264 
PRO C   OXT  sing N N 265 
PRO CB  CG   sing N N 266 
PRO CB  HB2  sing N N 267 
PRO CB  HB3  sing N N 268 
PRO CG  CD   sing N N 269 
PRO CG  HG2  sing N N 270 
PRO CG  HG3  sing N N 271 
PRO CD  HD2  sing N N 272 
PRO CD  HD3  sing N N 273 
PRO OXT HXT  sing N N 274 
SER N   CA   sing N N 275 
SER N   H    sing N N 276 
SER N   H2   sing N N 277 
SER CA  C    sing N N 278 
SER CA  CB   sing N N 279 
SER CA  HA   sing N N 280 
SER C   O    doub N N 281 
SER C   OXT  sing N N 282 
SER CB  OG   sing N N 283 
SER CB  HB2  sing N N 284 
SER CB  HB3  sing N N 285 
SER OG  HG   sing N N 286 
SER OXT HXT  sing N N 287 
THR N   CA   sing N N 288 
THR N   H    sing N N 289 
THR N   H2   sing N N 290 
THR CA  C    sing N N 291 
THR CA  CB   sing N N 292 
THR CA  HA   sing N N 293 
THR C   O    doub N N 294 
THR C   OXT  sing N N 295 
THR CB  OG1  sing N N 296 
THR CB  CG2  sing N N 297 
THR CB  HB   sing N N 298 
THR OG1 HG1  sing N N 299 
THR CG2 HG21 sing N N 300 
THR CG2 HG22 sing N N 301 
THR CG2 HG23 sing N N 302 
THR OXT HXT  sing N N 303 
TRP N   CA   sing N N 304 
TRP N   H    sing N N 305 
TRP N   H2   sing N N 306 
TRP CA  C    sing N N 307 
TRP CA  CB   sing N N 308 
TRP CA  HA   sing N N 309 
TRP C   O    doub N N 310 
TRP C   OXT  sing N N 311 
TRP CB  CG   sing N N 312 
TRP CB  HB2  sing N N 313 
TRP CB  HB3  sing N N 314 
TRP CG  CD1  doub Y N 315 
TRP CG  CD2  sing Y N 316 
TRP CD1 NE1  sing Y N 317 
TRP CD1 HD1  sing N N 318 
TRP CD2 CE2  doub Y N 319 
TRP CD2 CE3  sing Y N 320 
TRP NE1 CE2  sing Y N 321 
TRP NE1 HE1  sing N N 322 
TRP CE2 CZ2  sing Y N 323 
TRP CE3 CZ3  doub Y N 324 
TRP CE3 HE3  sing N N 325 
TRP CZ2 CH2  doub Y N 326 
TRP CZ2 HZ2  sing N N 327 
TRP CZ3 CH2  sing Y N 328 
TRP CZ3 HZ3  sing N N 329 
TRP CH2 HH2  sing N N 330 
TRP OXT HXT  sing N N 331 
TYR N   CA   sing N N 332 
TYR N   H    sing N N 333 
TYR N   H2   sing N N 334 
TYR CA  C    sing N N 335 
TYR CA  CB   sing N N 336 
TYR CA  HA   sing N N 337 
TYR C   O    doub N N 338 
TYR C   OXT  sing N N 339 
TYR CB  CG   sing N N 340 
TYR CB  HB2  sing N N 341 
TYR CB  HB3  sing N N 342 
TYR CG  CD1  doub Y N 343 
TYR CG  CD2  sing Y N 344 
TYR CD1 CE1  sing Y N 345 
TYR CD1 HD1  sing N N 346 
TYR CD2 CE2  doub Y N 347 
TYR CD2 HD2  sing N N 348 
TYR CE1 CZ   doub Y N 349 
TYR CE1 HE1  sing N N 350 
TYR CE2 CZ   sing Y N 351 
TYR CE2 HE2  sing N N 352 
TYR CZ  OH   sing N N 353 
TYR OH  HH   sing N N 354 
TYR OXT HXT  sing N N 355 
VAL N   CA   sing N N 356 
VAL N   H    sing N N 357 
VAL N   H2   sing N N 358 
VAL CA  C    sing N N 359 
VAL CA  CB   sing N N 360 
VAL CA  HA   sing N N 361 
VAL C   O    doub N N 362 
VAL C   OXT  sing N N 363 
VAL CB  CG1  sing N N 364 
VAL CB  CG2  sing N N 365 
VAL CB  HB   sing N N 366 
VAL CG1 HG11 sing N N 367 
VAL CG1 HG12 sing N N 368 
VAL CG1 HG13 sing N N 369 
VAL CG2 HG21 sing N N 370 
VAL CG2 HG22 sing N N 371 
VAL CG2 HG23 sing N N 372 
VAL OXT HXT  sing N N 373 
# 
_em_ctf_correction.id        1 
_em_ctf_correction.details   'EACH MICROGRAPH' 
_em_ctf_correction.type      ? 
# 
_em_image_processing.id                   1 
_em_image_processing.image_recording_id   1 
_em_image_processing.details              ? 
# 
_em_image_recording.avg_electron_dose_per_image   18 
_em_image_recording.details                       ? 
_em_image_recording.id                            1 
_em_image_recording.film_or_detector_model        'KODAK SO-163 FILM' 
_em_image_recording.imaging_id                    1 
_em_image_recording.detector_mode                 ? 
_em_image_recording.average_exposure_time         ? 
_em_image_recording.num_diffraction_images        ? 
_em_image_recording.num_grids_imaged              ? 
_em_image_recording.num_real_images               ? 
# 
loop_
_em_software.id 
_em_software.name 
_em_software.version 
_em_software.category 
_em_software.details 
_em_software.image_processing_id 
_em_software.imaging_id 
_em_software.fitting_id 
1 Sculptor       ? 'MODEL FITTING' ? ? ? 1 
2 'UCSF Chimera' ? 'MODEL FITTING' ? ? ? 1 
3 Bsoft          ? RECONSTRUCTION  ? 1 ? ? 
4 EM3DR          2 RECONSTRUCTION  ? 1 ? ? 
5 PFT            2 RECONSTRUCTION  ? 1 ? ? 
# 
_em_specimen.experiment_id           1 
_em_specimen.id                      1 
_em_specimen.concentration           1.2 
_em_specimen.vitrification_applied   YES 
_em_specimen.staining_applied        NO 
_em_specimen.embedding_applied       NO 
_em_specimen.shadowing_applied       NO 
_em_specimen.details                 ? 
# 
_pdbx_coordinate_model.asym_id   A 
_pdbx_coordinate_model.type      'CA ATOMS ONLY' 
# 
loop_
_pdbx_initial_refinement_model.id 
_pdbx_initial_refinement_model.type 
_pdbx_initial_refinement_model.source_name 
_pdbx_initial_refinement_model.accession_code 
1 'experimental model' PDB 1EM9 
2 'experimental model' PDB 3G21 
# 
_atom_sites.entry_id                    2X8Q 
_atom_sites.fract_transf_matrix[1][1]   1.000000 
_atom_sites.fract_transf_matrix[1][2]   0.000000 
_atom_sites.fract_transf_matrix[1][3]   0.000000 
_atom_sites.fract_transf_matrix[2][1]   0.000000 
_atom_sites.fract_transf_matrix[2][2]   1.000000 
_atom_sites.fract_transf_matrix[2][3]   0.000000 
_atom_sites.fract_transf_matrix[3][1]   0.000000 
_atom_sites.fract_transf_matrix[3][2]   0.000000 
_atom_sites.fract_transf_matrix[3][3]   1.000000 
_atom_sites.fract_transf_vector[1]      0.00000 
_atom_sites.fract_transf_vector[2]      0.00000 
_atom_sites.fract_transf_vector[3]      0.00000 
# 
_atom_type.symbol   C 
# 
loop_
_atom_site.group_PDB 
_atom_site.id 
_atom_site.type_symbol 
_atom_site.label_atom_id 
_atom_site.label_alt_id 
_atom_site.label_comp_id 
_atom_site.label_asym_id 
_atom_site.label_entity_id 
_atom_site.label_seq_id 
_atom_site.pdbx_PDB_ins_code 
_atom_site.Cartn_x 
_atom_site.Cartn_y 
_atom_site.Cartn_z 
_atom_site.occupancy 
_atom_site.B_iso_or_equiv 
_atom_site.pdbx_formal_charge 
_atom_site.auth_seq_id 
_atom_site.auth_comp_id 
_atom_site.auth_asym_id 
_atom_site.auth_atom_id 
_atom_site.pdbx_PDB_model_num 
ATOM 1   C CA . PRO A 1 1   ? -12.514 -13.911 -12.170 1.00 36.38 ? 1   PRO A CA 1 
ATOM 2   C CA . VAL A 1 2   ? -12.558 -17.442 -13.572 1.00 35.60 ? 2   VAL A CA 1 
ATOM 3   C CA . VAL A 1 3   ? -14.795 -20.381 -12.684 1.00 40.61 ? 3   VAL A CA 1 
ATOM 4   C CA . ILE A 1 4   ? -14.434 -23.903 -13.991 1.00 46.09 ? 4   ILE A CA 1 
ATOM 5   C CA . LYS A 1 5   ? -17.600 -24.885 -15.809 1.00 48.21 ? 5   LYS A CA 1 
ATOM 6   C CA . THR A 1 6   ? -18.523 -28.083 -17.647 1.00 53.28 ? 6   THR A CA 1 
ATOM 7   C CA . GLU A 1 7   ? -16.834 -27.189 -20.935 1.00 53.33 ? 7   GLU A CA 1 
ATOM 8   C CA . GLY A 1 8   ? -13.930 -25.648 -19.046 1.00 44.40 ? 8   GLY A CA 1 
ATOM 9   C CA . PRO A 1 9   ? -12.620 -22.305 -17.684 1.00 39.76 ? 9   PRO A CA 1 
ATOM 10  C CA . ALA A 1 10  ? -15.122 -19.477 -18.030 1.00 36.47 ? 10  ALA A CA 1 
ATOM 11  C CA . TRP A 1 11  ? -15.043 -15.748 -17.301 1.00 35.09 ? 11  TRP A CA 1 
ATOM 12  C CA . THR A 1 12  ? -17.296 -14.314 -14.600 1.00 38.17 ? 12  THR A CA 1 
ATOM 13  C CA . PRO A 1 13  ? -17.230 -10.511 -14.186 1.00 38.41 ? 13  PRO A CA 1 
ATOM 14  C CA . LEU A 1 14  ? -16.598 -8.884  -10.820 1.00 34.41 ? 14  LEU A CA 1 
ATOM 15  C CA . GLU A 1 15  ? -19.903 -7.699  -9.358  1.00 41.25 ? 15  GLU A CA 1 
ATOM 16  C CA . PRO A 1 16  ? -20.610 -4.223  -10.825 1.00 39.38 ? 16  PRO A CA 1 
ATOM 17  C CA . LYS A 1 17  ? -21.919 -3.033  -7.450  1.00 39.16 ? 17  LYS A CA 1 
ATOM 18  C CA . LEU A 1 18  ? -18.711 -3.835  -5.539  1.00 37.67 ? 18  LEU A CA 1 
ATOM 19  C CA . ILE A 1 19  ? -16.697 -2.045  -8.217  1.00 36.95 ? 19  ILE A CA 1 
ATOM 20  C CA . THR A 1 20  ? -18.876 1.052   -7.951  1.00 41.44 ? 20  THR A CA 1 
ATOM 21  C CA . ARG A 1 21  ? -18.756 0.690   -4.182  1.00 44.72 ? 21  ARG A CA 1 
ATOM 22  C CA . LEU A 1 22  ? -14.953 0.605   -4.137  1.00 37.59 ? 22  LEU A CA 1 
ATOM 23  C CA . ALA A 1 23  ? -14.833 3.561   -6.514  1.00 40.19 ? 23  ALA A CA 1 
ATOM 24  C CA . ASP A 1 24  ? -16.801 5.457   -3.868  1.00 43.09 ? 24  ASP A CA 1 
ATOM 25  C CA . THR A 1 25  ? -14.532 4.220   -1.079  1.00 39.72 ? 25  THR A CA 1 
ATOM 26  C CA . VAL A 1 26  ? -11.486 5.416   -3.012  1.00 41.35 ? 26  VAL A CA 1 
ATOM 27  C CA . ARG A 1 27  ? -13.135 8.776   -3.627  1.00 49.81 ? 27  ARG A CA 1 
ATOM 28  C CA . THR A 1 28  ? -14.475 9.260   -0.094  1.00 51.76 ? 28  THR A CA 1 
ATOM 29  C CA . LYS A 1 29  ? -11.734 7.664   2.003   1.00 48.98 ? 29  LYS A CA 1 
ATOM 30  C CA . GLY A 1 30  ? -8.681  8.100   -0.219  1.00 43.58 ? 30  GLY A CA 1 
ATOM 31  C CA . LEU A 1 31  ? -6.107  5.660   -1.592  1.00 43.80 ? 31  LEU A CA 1 
ATOM 32  C CA . ARG A 1 32  ? -4.137  5.486   1.630   1.00 47.72 ? 32  ARG A CA 1 
ATOM 33  C CA . SER A 1 33  ? -7.120  4.539   3.769   1.00 45.07 ? 33  SER A CA 1 
ATOM 34  C CA . PRO A 1 34  ? -7.041  1.137   5.486   1.00 43.45 ? 34  PRO A CA 1 
ATOM 35  C CA . ILE A 1 35  ? -10.685 0.870   4.459   1.00 40.47 ? 35  ILE A CA 1 
ATOM 36  C CA . THR A 1 36  ? -9.852  1.252   0.787   1.00 37.98 ? 36  THR A CA 1 
ATOM 37  C CA . MET A 1 37  ? -6.826  -1.022  0.956   1.00 39.07 ? 37  MET A CA 1 
ATOM 38  C CA . ALA A 1 38  ? -8.889  -3.671  2.742   1.00 38.04 ? 38  ALA A CA 1 
ATOM 39  C CA . GLU A 1 39  ? -11.708 -3.426  0.210   1.00 35.96 ? 39  GLU A CA 1 
ATOM 40  C CA . VAL A 1 40  ? -9.371  -3.545  -2.798  1.00 34.67 ? 40  VAL A CA 1 
ATOM 41  C CA . GLU A 1 41  ? -7.548  -6.553  -1.352  1.00 37.91 ? 41  GLU A CA 1 
ATOM 42  C CA . ALA A 1 42  ? -10.926 -8.186  -0.769  1.00 39.54 ? 42  ALA A CA 1 
ATOM 43  C CA . LEU A 1 43  ? -12.039 -7.632  -4.343  1.00 39.91 ? 43  LEU A CA 1 
ATOM 44  C CA . MET A 1 44  ? -8.698  -9.017  -5.544  1.00 40.97 ? 44  MET A CA 1 
ATOM 45  C CA . SER A 1 45  ? -8.866  -12.103 -3.315  1.00 47.41 ? 45  SER A CA 1 
ATOM 46  C CA . SER A 1 46  ? -9.983  -14.189 -6.301  1.00 45.07 ? 46  SER A CA 1 
ATOM 47  C CA . PRO A 1 47  ? -7.531  -14.573 -9.238  1.00 35.59 ? 47  PRO A CA 1 
ATOM 48  C CA . LEU A 1 48  ? -8.356  -11.932 -11.854 1.00 28.74 ? 48  LEU A CA 1 
ATOM 49  C CA . LEU A 1 49  ? -7.831  -11.754 -15.623 1.00 29.37 ? 49  LEU A CA 1 
ATOM 50  C CA . PRO A 1 50  ? -6.054  -8.855  -17.337 1.00 28.72 ? 50  PRO A CA 1 
ATOM 51  C CA . HIS A 1 51  ? -9.531  -7.692  -18.424 1.00 28.71 ? 51  HIS A CA 1 
ATOM 52  C CA . ASP A 1 52  ? -10.709 -7.721  -14.809 1.00 31.26 ? 52  ASP A CA 1 
ATOM 53  C CA . VAL A 1 53  ? -7.791  -5.758  -13.332 1.00 30.99 ? 53  VAL A CA 1 
ATOM 54  C CA . THR A 1 54  ? -7.474  -3.019  -15.961 1.00 32.80 ? 54  THR A CA 1 
ATOM 55  C CA . ASN A 1 55  ? -11.203 -2.277  -15.976 1.00 34.94 ? 55  ASN A CA 1 
ATOM 56  C CA . LEU A 1 56  ? -11.337 -2.479  -12.181 1.00 31.27 ? 56  LEU A CA 1 
ATOM 57  C CA . MET A 1 57  ? -8.507  0.035   -11.821 1.00 28.93 ? 57  MET A CA 1 
ATOM 58  C CA . ARG A 1 58  ? -9.638  2.251   -14.675 1.00 31.89 ? 58  ARG A CA 1 
ATOM 59  C CA . VAL A 1 59  ? -12.972 2.619   -12.886 1.00 33.81 ? 59  VAL A CA 1 
ATOM 60  C CA . ILE A 1 60  ? -11.913 3.060   -9.259  1.00 31.60 ? 60  ILE A CA 1 
ATOM 61  C CA . LEU A 1 61  ? -8.914  5.310   -10.024 1.00 32.86 ? 61  LEU A CA 1 
ATOM 62  C CA . GLY A 1 62  ? -8.696  8.780   -11.500 1.00 37.79 ? 62  GLY A CA 1 
ATOM 63  C CA . PRO A 1 63  ? -7.108  9.293   -14.951 1.00 37.21 ? 63  PRO A CA 1 
ATOM 64  C CA . ALA A 1 64  ? -3.716  10.204  -13.467 1.00 32.40 ? 64  ALA A CA 1 
ATOM 65  C CA . PRO A 1 65  ? -3.652  7.470   -10.767 1.00 31.97 ? 65  PRO A CA 1 
ATOM 66  C CA . TYR A 1 66  ? -4.740  4.952   -13.415 1.00 28.39 ? 66  TYR A CA 1 
ATOM 67  C CA . ALA A 1 67  ? -1.887  6.030   -15.693 1.00 25.94 ? 67  ALA A CA 1 
ATOM 68  C CA . LEU A 1 68  ? 0.444   5.554   -12.730 1.00 26.61 ? 68  LEU A CA 1 
ATOM 69  C CA . TRP A 1 69  ? -1.110  2.168   -11.948 1.00 23.84 ? 69  TRP A CA 1 
ATOM 70  C CA . MET A 1 70  ? -0.525  1.067   -15.540 1.00 25.71 ? 70  MET A CA 1 
ATOM 71  C CA . ASP A 1 71  ? 3.177   1.924   -15.385 1.00 24.23 ? 71  ASP A CA 1 
ATOM 72  C CA . ALA A 1 72  ? 3.517   0.244   -11.988 1.00 24.23 ? 72  ALA A CA 1 
ATOM 73  C CA . TRP A 1 73  ? 1.695   -2.850  -13.238 1.00 24.75 ? 73  TRP A CA 1 
ATOM 74  C CA . GLY A 1 74  ? 3.993   -3.060  -16.262 1.00 28.69 ? 74  GLY A CA 1 
ATOM 75  C CA . VAL A 1 75  ? 7.038   -3.002  -13.962 1.00 28.09 ? 75  VAL A CA 1 
ATOM 76  C CA . GLN A 1 76  ? 5.517   -5.627  -11.657 1.00 26.11 ? 76  GLN A CA 1 
ATOM 77  C CA . LEU A 1 77  ? 4.639   -7.886  -14.594 1.00 26.39 ? 77  LEU A CA 1 
ATOM 78  C CA . GLN A 1 78  ? 8.167   -7.533  -15.922 1.00 31.94 ? 78  GLN A CA 1 
ATOM 79  C CA . THR A 1 79  ? 9.597   -8.687  -12.588 1.00 31.50 ? 79  THR A CA 1 
ATOM 80  C CA . VAL A 1 80  ? 7.324   -11.731 -12.846 1.00 32.02 ? 80  VAL A CA 1 
ATOM 81  C CA . ILE A 1 81  ? 8.592   -12.351 -16.368 1.00 30.16 ? 81  ILE A CA 1 
ATOM 82  C CA . ALA A 1 82  ? 12.211  -12.038 -15.260 1.00 32.89 ? 82  ALA A CA 1 
ATOM 83  C CA . ALA A 1 83  ? 11.594  -14.642 -12.533 1.00 31.69 ? 83  ALA A CA 1 
ATOM 84  C CA . ALA A 1 84  ? 9.617   -16.976 -14.816 1.00 31.45 ? 84  ALA A CA 1 
ATOM 85  C CA . THR A 1 85  ? 12.417  -16.704 -17.384 1.00 38.83 ? 85  THR A CA 1 
ATOM 86  C CA . ARG A 1 86  ? 15.121  -17.599 -14.867 1.00 39.17 ? 86  ARG A CA 1 
ATOM 87  C CA . ASP A 1 87  ? 13.187  -20.460 -13.286 1.00 39.94 ? 87  ASP A CA 1 
ATOM 88  C CA . PRO A 1 88  ? 11.396  -22.903 -15.614 1.00 40.16 ? 88  PRO A CA 1 
ATOM 89  C CA . ARG A 1 89  ? 9.525   -24.292 -12.601 1.00 35.58 ? 89  ARG A CA 1 
ATOM 90  C CA . HIS A 1 90  ? 8.042   -20.863 -11.839 1.00 31.36 ? 90  HIS A CA 1 
ATOM 91  C CA . PRO A 1 91  ? 4.297   -21.340 -11.206 1.00 27.09 ? 91  PRO A CA 1 
ATOM 92  C CA . ALA A 1 92  ? 3.475   -18.845 -13.966 1.00 27.75 ? 92  ALA A CA 1 
ATOM 93  C CA . ASN A 1 93  ? 4.984   -21.285 -16.471 1.00 30.47 ? 93  ASN A CA 1 
ATOM 94  C CA . GLY A 1 94  ? 3.142   -24.208 -18.007 1.00 41.08 ? 94  GLY A CA 1 
ATOM 95  C CA . GLN A 1 95  ? 4.552   -27.717 -17.545 1.00 48.38 ? 95  GLN A CA 1 
ATOM 96  C CA . GLY A 1 96  ? 5.260   -28.034 -21.283 1.00 47.33 ? 96  GLY A CA 1 
ATOM 97  C CA . ARG A 1 97  ? 8.358   -26.911 -23.195 1.00 48.08 ? 97  ARG A CA 1 
ATOM 98  C CA . GLY A 1 98  ? 6.408   -24.236 -25.049 1.00 50.37 ? 98  GLY A CA 1 
ATOM 99  C CA . GLU A 1 99  ? 4.519   -22.955 -22.026 1.00 47.46 ? 99  GLU A CA 1 
ATOM 100 C CA . ARG A 1 100 ? 6.731   -20.274 -20.516 1.00 45.12 ? 100 ARG A CA 1 
ATOM 101 C CA . THR A 1 101 ? 4.801   -17.086 -19.805 1.00 36.57 ? 101 THR A CA 1 
ATOM 102 C CA . ASN A 1 102 ? 5.534   -13.782 -21.495 1.00 33.92 ? 102 ASN A CA 1 
ATOM 103 C CA . LEU A 1 103 ? 4.450   -10.159 -21.039 1.00 35.23 ? 103 LEU A CA 1 
ATOM 104 C CA . ASN A 1 104 ? 1.872   -10.351 -23.840 1.00 33.86 ? 104 ASN A CA 1 
ATOM 105 C CA . ARG A 1 105 ? 0.005   -13.163 -22.117 1.00 27.35 ? 105 ARG A CA 1 
ATOM 106 C CA . LEU A 1 106 ? 0.101   -11.493 -18.695 1.00 27.02 ? 106 LEU A CA 1 
ATOM 107 C CA . LYS A 1 107 ? -1.379  -8.326  -20.219 1.00 30.22 ? 107 LYS A CA 1 
ATOM 108 C CA . GLY A 1 108 ? -3.949  -10.381 -22.122 1.00 31.50 ? 108 GLY A CA 1 
ATOM 109 C CA . LEU A 1 109 ? -2.577  -9.241  -25.472 1.00 36.17 ? 109 LEU A CA 1 
ATOM 110 C CA . ALA A 1 110 ? -1.487  -12.607 -26.856 1.00 40.01 ? 110 ALA A CA 1 
ATOM 111 C CA . ASP A 1 111 ? -3.327  -14.319 -29.719 1.00 42.30 ? 111 ASP A CA 1 
ATOM 112 C CA . GLY A 1 112 ? -6.938  -14.920 -28.723 1.00 39.98 ? 112 GLY A CA 1 
ATOM 113 C CA . MET A 1 113 ? -6.871  -12.753 -25.590 1.00 37.68 ? 113 MET A CA 1 
ATOM 114 C CA . VAL A 1 114 ? -7.116  -9.239  -27.005 1.00 41.40 ? 114 VAL A CA 1 
ATOM 115 C CA . GLY A 1 115 ? -10.178 -7.506  -25.593 1.00 40.14 ? 115 GLY A CA 1 
ATOM 116 C CA . ASN A 1 116 ? -11.680 -10.905 -24.829 1.00 36.83 ? 116 ASN A CA 1 
ATOM 117 C CA . PRO A 1 117 ? -12.114 -11.924 -21.169 1.00 36.56 ? 117 PRO A CA 1 
ATOM 118 C CA . GLN A 1 118 ? -13.591 -15.251 -22.290 1.00 35.42 ? 118 GLN A CA 1 
ATOM 119 C CA . GLY A 1 119 ? -10.489 -16.064 -24.316 1.00 31.92 ? 119 GLY A CA 1 
ATOM 120 C CA . GLN A 1 120 ? -8.247  -14.929 -21.459 1.00 29.61 ? 120 GLN A CA 1 
ATOM 121 C CA . ALA A 1 121 ? -10.076 -17.319 -19.146 1.00 31.91 ? 121 ALA A CA 1 
ATOM 122 C CA . ALA A 1 122 ? -9.718  -20.116 -21.673 1.00 34.92 ? 122 ALA A CA 1 
ATOM 123 C CA . LEU A 1 123 ? -6.008  -19.497 -22.361 1.00 34.39 ? 123 LEU A CA 1 
ATOM 124 C CA . LEU A 1 124 ? -4.319  -18.185 -19.196 1.00 28.52 ? 124 LEU A CA 1 
ATOM 125 C CA . ARG A 1 125 ? -3.117  -20.703 -16.610 1.00 27.88 ? 125 ARG A CA 1 
ATOM 126 C CA . PRO A 1 126 ? -4.022  -20.492 -12.918 1.00 27.60 ? 126 PRO A CA 1 
ATOM 127 C CA . GLY A 1 127 ? -0.466  -19.501 -12.073 1.00 22.54 ? 127 GLY A CA 1 
ATOM 128 C CA . GLU A 1 128 ? -0.589  -16.686 -14.607 1.00 26.05 ? 128 GLU A CA 1 
ATOM 129 C CA . LEU A 1 129 ? -3.747  -15.253 -13.030 1.00 27.26 ? 129 LEU A CA 1 
ATOM 130 C CA . VAL A 1 130 ? -2.085  -15.400 -9.607  1.00 25.95 ? 130 VAL A CA 1 
ATOM 131 C CA . ALA A 1 131 ? 0.838   -13.383 -10.944 1.00 23.47 ? 131 ALA A CA 1 
ATOM 132 C CA . ILE A 1 132 ? -1.441  -11.010 -12.834 1.00 22.67 ? 132 ILE A CA 1 
ATOM 133 C CA . THR A 1 133 ? -3.491  -10.413 -9.686  1.00 23.77 ? 133 THR A CA 1 
ATOM 134 C CA . ALA A 1 134 ? -0.603  -10.088 -7.223  1.00 23.45 ? 134 ALA A CA 1 
ATOM 135 C CA . SER A 1 135 ? 1.112   -7.761  -9.738  1.00 26.16 ? 135 SER A CA 1 
ATOM 136 C CA . ALA A 1 136 ? -1.995  -5.591  -10.115 1.00 24.79 ? 136 ALA A CA 1 
ATOM 137 C CA . LEU A 1 137 ? -2.383  -5.415  -6.338  1.00 26.33 ? 137 LEU A CA 1 
ATOM 138 C CA . GLN A 1 138 ? 1.252   -4.425  -5.764  1.00 27.83 ? 138 GLN A CA 1 
ATOM 139 C CA . ALA A 1 139 ? 0.874   -1.805  -8.497  1.00 24.87 ? 139 ALA A CA 1 
ATOM 140 C CA . PHE A 1 140 ? -2.135  -0.456  -6.582  1.00 25.87 ? 140 PHE A CA 1 
ATOM 141 C CA . ARG A 1 141 ? -0.089  -0.233  -3.393  1.00 27.53 ? 141 ARG A CA 1 
ATOM 142 C CA . GLU A 1 142 ? 2.659   1.638   -5.264  1.00 29.33 ? 142 GLU A CA 1 
ATOM 143 C CA . VAL A 1 143 ? 0.086   4.112   -6.570  1.00 28.58 ? 143 VAL A CA 1 
ATOM 144 C CA . ALA A 1 144 ? -1.204  4.540   -3.026  1.00 26.84 ? 144 ALA A CA 1 
ATOM 145 C CA . ARG A 1 145 ? 2.379   4.960   -1.810  1.00 29.36 ? 145 ARG A CA 1 
ATOM 146 C CA . LEU A 1 146 ? 3.000   7.799   -4.245  1.00 31.66 ? 146 LEU A CA 1 
ATOM 147 C CA . ALA A 1 147 ? -0.438  9.387   -3.722  1.00 39.73 ? 147 ALA A CA 1 
ATOM 148 C CA . GLY A 1 151 ? 4.365   16.423  9.180   1.00 19.11 ? 151 GLY A CA 1 
ATOM 149 C CA . PRO A 1 152 ? 7.967   17.579  8.909   1.00 14.71 ? 152 PRO A CA 1 
ATOM 150 C CA . TRP A 1 153 ? 8.928   16.318  12.378  1.00 8.53  ? 153 TRP A CA 1 
ATOM 151 C CA . ALA A 1 154 ? 12.147  18.404  12.572  1.00 7.92  ? 154 ALA A CA 1 
ATOM 152 C CA . ASP A 1 155 ? 10.021  21.593  12.261  1.00 9.59  ? 155 ASP A CA 1 
ATOM 153 C CA . ILE A 1 156 ? 7.746   20.768  15.202  1.00 8.82  ? 156 ILE A CA 1 
ATOM 154 C CA A MET A 1 157 ? 8.033   23.188  18.113  0.50 12.02 ? 157 MET A CA 1 
ATOM 155 C CA B MET A 1 157 ? 8.018   23.203  18.094  0.50 12.95 ? 157 MET A CA 1 
ATOM 156 C CA . GLN A 1 158 ? 5.734   23.577  21.117  1.00 11.17 ? 158 GLN A CA 1 
ATOM 157 C CA . GLY A 1 159 ? 3.857   26.828  20.402  1.00 12.88 ? 159 GLY A CA 1 
ATOM 158 C CA . PRO A 1 160 ? 2.868   29.406  23.051  1.00 15.25 ? 160 PRO A CA 1 
ATOM 159 C CA . SER A 1 161 ? -0.810  28.293  22.844  1.00 16.14 ? 161 SER A CA 1 
ATOM 160 C CA . GLU A 1 162 ? 0.059   24.558  22.840  1.00 14.28 ? 162 GLU A CA 1 
ATOM 161 C CA . SER A 1 163 ? 0.279   22.231  25.880  1.00 10.63 ? 163 SER A CA 1 
ATOM 162 C CA . PHE A 1 164 ? 3.256   19.852  26.241  1.00 9.57  ? 164 PHE A CA 1 
ATOM 163 C CA . VAL A 1 165 ? 1.036   16.848  25.476  1.00 9.43  ? 165 VAL A CA 1 
ATOM 164 C CA A ASP A 1 166 ? -0.420  18.328  22.273  0.50 9.21  ? 166 ASP A CA 1 
ATOM 165 C CA B ASP A 1 166 ? -0.419  18.388  22.283  0.50 9.12  ? 166 ASP A CA 1 
ATOM 166 C CA . PHE A 1 167 ? 3.164   19.037  21.152  1.00 6.48  ? 167 PHE A CA 1 
ATOM 167 C CA . ALA A 1 168 ? 4.304   15.502  22.120  1.00 5.97  ? 168 ALA A CA 1 
ATOM 168 C CA . ASN A 1 169 ? 1.377   13.950  20.176  1.00 6.61  ? 169 ASN A CA 1 
ATOM 169 C CA . ARG A 1 170 ? 2.054   16.092  17.067  1.00 6.73  ? 170 ARG A CA 1 
ATOM 170 C CA . LEU A 1 171 ? 5.779   15.365  17.243  1.00 4.92  ? 171 LEU A CA 1 
ATOM 171 C CA . ILE A 1 172 ? 5.350   11.610  17.770  1.00 5.07  ? 172 ILE A CA 1 
ATOM 172 C CA . LYS A 1 173 ? 2.773   11.332  14.952  1.00 6.54  ? 173 LYS A CA 1 
ATOM 173 C CA . ALA A 1 174 ? 5.229   13.078  12.602  1.00 4.98  ? 174 ALA A CA 1 
ATOM 174 C CA . VAL A 1 175 ? 8.222   10.906  13.675  1.00 4.83  ? 175 VAL A CA 1 
ATOM 175 C CA . GLU A 1 176 ? 6.079   7.757   13.227  1.00 6.27  ? 176 GLU A CA 1 
ATOM 176 C CA . GLY A 1 177 ? 5.095   8.807   9.676   1.00 8.75  ? 177 GLY A CA 1 
ATOM 177 C CA . SER A 1 178 ? 8.741   9.668   8.786   1.00 8.96  ? 178 SER A CA 1 
ATOM 178 C CA . ASP A 1 179 ? 11.338  7.605   6.901   1.00 9.76  ? 179 ASP A CA 1 
ATOM 179 C CA . LEU A 1 180 ? 13.472  7.202   10.019  1.00 8.84  ? 180 LEU A CA 1 
ATOM 180 C CA . PRO A 1 181 ? 14.485  3.634   10.962  1.00 9.51  ? 181 PRO A CA 1 
ATOM 181 C CA . PRO A 1 182 ? 12.252  2.268   13.771  1.00 9.01  ? 182 PRO A CA 1 
ATOM 182 C CA . SER A 1 183 ? 15.131  2.147   16.274  1.00 9.73  ? 183 SER A CA 1 
ATOM 183 C CA . ALA A 1 184 ? 15.846  5.855   15.657  1.00 7.00  ? 184 ALA A CA 1 
ATOM 184 C CA . ARG A 1 185 ? 12.332  7.092   16.623  1.00 5.66  ? 185 ARG A CA 1 
ATOM 185 C CA . ALA A 1 186 ? 12.590  6.956   20.449  1.00 6.23  ? 186 ALA A CA 1 
ATOM 186 C CA . PRO A 1 187 ? 15.990  8.743   20.794  1.00 5.86  ? 187 PRO A CA 1 
ATOM 187 C CA . VAL A 1 188 ? 14.875  11.389  18.231  1.00 4.91  ? 188 VAL A CA 1 
ATOM 188 C CA . ILE A 1 189 ? 11.631  11.876  20.189  1.00 4.33  ? 189 ILE A CA 1 
ATOM 189 C CA . ILE A 1 190 ? 13.586  12.228  23.456  1.00 4.37  ? 190 ILE A CA 1 
ATOM 190 C CA . ASP A 1 191 ? 15.970  14.767  21.846  1.00 4.92  ? 191 ASP A CA 1 
ATOM 191 C CA . CYS A 1 192 ? 13.073  16.813  20.436  1.00 5.22  ? 192 CYS A CA 1 
ATOM 192 C CA . PHE A 1 193 ? 11.256  16.797  23.807  1.00 5.32  ? 193 PHE A CA 1 
ATOM 193 C CA . ARG A 1 194 ? 14.402  18.328  25.381  1.00 6.29  ? 194 ARG A CA 1 
ATOM 194 C CA . GLN A 1 195 ? 15.119  20.773  22.539  1.00 6.63  ? 195 GLN A CA 1 
ATOM 195 C CA . LYS A 1 196 ? 11.766  21.796  21.071  1.00 5.27  ? 196 LYS A CA 1 
ATOM 196 C CA . SER A 1 197 ? 9.442   22.173  24.062  1.00 7.08  ? 197 SER A CA 1 
ATOM 197 C CA . GLN A 1 198 ? 8.714   25.568  25.670  1.00 9.43  ? 198 GLN A CA 1 
ATOM 198 C CA . PRO A 1 199 ? 11.638  26.744  27.897  1.00 10.56 ? 199 PRO A CA 1 
ATOM 199 C CA A ASP A 1 200 ? 9.823   26.113  31.179  0.50 9.06  ? 200 ASP A CA 1 
ATOM 200 C CA B ASP A 1 200 ? 9.790   26.111  31.178  0.50 8.87  ? 200 ASP A CA 1 
ATOM 201 C CA . ILE A 1 201 ? 9.060   22.522  30.047  1.00 6.56  ? 201 ILE A CA 1 
ATOM 202 C CA . GLN A 1 202 ? 12.685  22.054  28.854  1.00 7.86  ? 202 GLN A CA 1 
ATOM 203 C CA . GLN A 1 203 ? 13.760  22.992  32.398  1.00 7.30  ? 203 GLN A CA 1 
ATOM 204 C CA . LEU A 1 204 ? 11.270  20.636  34.044  1.00 5.30  ? 204 LEU A CA 1 
ATOM 205 C CA . ILE A 1 205 ? 12.418  17.738  31.806  1.00 5.84  ? 205 ILE A CA 1 
ATOM 206 C CA . ARG A 1 206 ? 16.104  18.395  32.803  1.00 9.14  ? 206 ARG A CA 1 
ATOM 207 C CA . THR A 1 207 ? 15.124  17.592  36.455  1.00 6.69  ? 207 THR A CA 1 
ATOM 208 C CA . ALA A 1 208 ? 13.885  14.047  35.693  1.00 8.69  ? 208 ALA A CA 1 
ATOM 209 C CA . PRO A 1 209 ? 15.875  11.124  37.151  1.00 12.45 ? 209 PRO A CA 1 
ATOM 210 C CA . SER A 1 210 ? 18.399  9.263   34.943  1.00 14.91 ? 210 SER A CA 1 
ATOM 211 C CA . THR A 1 211 ? 16.080  6.218   35.267  1.00 16.49 ? 211 THR A CA 1 
ATOM 212 C CA . LEU A 1 212 ? 13.387  7.869   33.106  1.00 14.22 ? 212 LEU A CA 1 
ATOM 213 C CA . THR A 1 213 ? 14.456  6.933   29.578  1.00 13.12 ? 213 THR A CA 1 
ATOM 214 C CA . THR A 1 214 ? 11.317  6.519   27.376  1.00 8.17  ? 214 THR A CA 1 
ATOM 215 C CA . PRO A 1 215 ? 9.038   9.177   25.837  1.00 5.25  ? 215 PRO A CA 1 
ATOM 216 C CA . GLY A 1 216 ? 6.104   7.791   27.886  1.00 4.09  ? 216 GLY A CA 1 
ATOM 217 C CA . GLU A 1 217 ? 8.049   8.193   31.110  1.00 4.46  ? 217 GLU A CA 1 
ATOM 218 C CA . ILE A 1 218 ? 8.930   11.815  30.251  1.00 4.52  ? 218 ILE A CA 1 
ATOM 219 C CA . ILE A 1 219 ? 5.326   12.592  29.267  1.00 3.86  ? 219 ILE A CA 1 
ATOM 220 C CA . LYS A 1 220 ? 4.008   11.239  32.577  1.00 4.60  ? 220 LYS A CA 1 
ATOM 221 C CA . TYR A 1 221 ? 6.830   13.049  34.423  1.00 5.26  ? 221 TYR A CA 1 
ATOM 222 C CA . VAL A 1 222 ? 5.780   16.419  32.897  1.00 4.55  ? 222 VAL A CA 1 
ATOM 223 C CA . LEU A 1 223 ? 2.001   15.959  33.059  1.00 6.01  ? 223 LEU A CA 1 
ATOM 224 C CA . ASP A 1 224 ? 2.117   14.683  36.703  1.00 5.68  ? 224 ASP A CA 1 
ATOM 225 C CA . ARG A 1 225 ? 3.882   17.900  37.779  1.00 4.60  ? 225 ARG A CA 1 
ATOM 226 C CA . GLN A 1 226 ? 1.330   20.338  36.268  1.00 7.68  ? 226 GLN A CA 1 
# 
